data_5T2L
#
_entry.id   5T2L
#
_cell.length_a   63.554
_cell.length_b   142.189
_cell.length_c   218.768
_cell.angle_alpha   90.00
_cell.angle_beta   90.00
_cell.angle_gamma   90.00
#
_symmetry.space_group_name_H-M   'C 2 2 21'
#
loop_
_entity.id
_entity.type
_entity.pdbx_description
1 polymer 'Phosphatidylinositol 4,5-bisphosphate 3-kinase catalytic subunit delta isoform'
2 non-polymer 1-[3-azanyl-6-[1-methyl-5-(1-phenylcyclopropyl)-1,2,4-triazol-3-yl]pyrazin-2-yl]pyrazole-3-carboxamide
3 water water
#
_entity_poly.entity_id   1
_entity_poly.type   'polypeptide(L)'
_entity_poly.pdbx_seq_one_letter_code
;GDRVKKLINSQISLLIGKGLHEFDSLRDPEVNDFRTKMRQFCEEAAAHRQQLGWVEWLQYSFPLQLEPSARGWRAGLLRV
SNRALLVNVKFEGSEESFTFQVSTKDMPLALMACALRKKATVFRQPLVEQPEEYALQVNGRHEYLYGNYPLCHFQYICSC
LHSGLTPHLTMVHSSSILAMRDEQSNPAPQVQKPRAKPPPIPAKKPSSVSLWSLEQPFSIELIEGRKVNADERMKLVVQA
GLFHGNEMLCKTVSSSEVNVCSEPVWKQRLEFDISVCDLPRMARLCFALYAVVEKAKKARSTKKKSKKADCPIAWANLML
FDYKDQLKTGERCLYMWPSVPDEKGELLNPAGTVRGNPNTESAAALVIYLPEVAPHPVYFPALEKILELGRHGERGRITE
EEQLQLREILERRGSGELYEHEKDLVWKMRHEVQEHFPEALARLLLVTKWNKHEDVAQMLYLLCSWPELPVLSALELLDF
SFPDCYVGSFAIKSLRKLTDDELFQYLLQLVQVLKYESYLDCELTKFLLGRALANRKIGHFLFWHLRSEMHVPSVALRFG
LIMEAYCRGSTHHMKVLMKQGEALSKLKALNDFVKVSSQKTTKPQTKEMMHMCMRQETYMEALSHLQSPLDPSTLLEEVC
VEQCTFMDSKMKPLWIMYSSEEAGSAGNVGIIFKNGDDLRQDMLTLQMIQLMDVLWKQEGLDLRMTPYGCLPTGDRTGLI
EVVLHSDTIANIQLNKSNMAATAAFNKDALLNWLKSKNPGEALDRAIEEFTLSCAGYCVATYVLGIGDRHSDNIMIRESG
QLFHIDFGHFLGNFKTKFGINRERVPFILTYDFVHVIQQGKTNNSEKFERFRGYCERAYTILRRHGLLFLHLFALMRAAG
LPELSCSKDIQYLKDSLALGKTEEEALKHFRVKFNEALRESWKTKVNWLAHNVSKDNRQ
;
_entity_poly.pdbx_strand_id   A
#
loop_
_chem_comp.id
_chem_comp.type
_chem_comp.name
_chem_comp.formula
74H non-polymer 1-[3-azanyl-6-[1-methyl-5-(1-phenylcyclopropyl)-1,2,4-triazol-3-yl]pyrazin-2-yl]pyrazole-3-carboxamide 'C20 H19 N9 O'
#
# COMPACT_ATOMS: atom_id res chain seq x y z
N VAL A 4 -23.60 -12.75 23.35
CA VAL A 4 -22.18 -12.74 22.98
C VAL A 4 -22.03 -12.60 21.46
N LYS A 5 -22.75 -13.43 20.66
CA LYS A 5 -22.74 -13.39 19.19
C LYS A 5 -23.36 -12.08 18.68
N LYS A 6 -24.33 -11.52 19.42
CA LYS A 6 -25.00 -10.26 19.12
C LYS A 6 -24.03 -9.09 19.34
N LEU A 7 -23.37 -9.04 20.51
CA LEU A 7 -22.39 -8.00 20.88
C LEU A 7 -21.29 -7.92 19.80
N ILE A 8 -20.71 -9.06 19.38
CA ILE A 8 -19.69 -9.21 18.34
C ILE A 8 -20.19 -8.59 17.03
N ASN A 9 -21.48 -8.85 16.67
CA ASN A 9 -22.09 -8.30 15.45
C ASN A 9 -22.22 -6.83 15.54
N SER A 10 -22.67 -6.31 16.69
CA SER A 10 -22.80 -4.87 16.90
C SER A 10 -21.42 -4.19 16.93
N GLN A 11 -20.39 -4.96 17.29
CA GLN A 11 -19.00 -4.51 17.36
C GLN A 11 -18.40 -4.35 15.98
N ILE A 12 -18.62 -5.36 15.08
CA ILE A 12 -18.19 -5.32 13.66
C ILE A 12 -18.86 -4.14 12.92
N SER A 13 -20.18 -3.98 13.09
CA SER A 13 -20.95 -2.87 12.49
C SER A 13 -20.35 -1.51 12.82
N LEU A 14 -19.97 -1.30 14.09
CA LEU A 14 -19.35 -0.06 14.56
C LEU A 14 -17.92 0.13 14.04
N LEU A 15 -17.14 -0.95 14.07
CA LEU A 15 -15.75 -0.98 13.63
C LEU A 15 -15.58 -0.76 12.14
N ILE A 16 -16.39 -1.44 11.32
CA ILE A 16 -16.27 -1.31 9.87
C ILE A 16 -17.05 -0.08 9.35
N GLY A 17 -18.02 0.40 10.13
CA GLY A 17 -18.80 1.60 9.81
C GLY A 17 -20.07 1.36 9.01
N LYS A 18 -20.45 0.08 8.88
CA LYS A 18 -21.61 -0.37 8.12
C LYS A 18 -22.33 -1.45 8.92
N GLY A 19 -23.63 -1.25 9.15
CA GLY A 19 -24.46 -2.23 9.84
C GLY A 19 -24.51 -3.54 9.08
N LEU A 20 -24.40 -4.67 9.79
CA LEU A 20 -24.43 -6.02 9.23
C LEU A 20 -25.80 -6.32 8.63
N HIS A 21 -26.84 -5.58 9.09
CA HIS A 21 -28.22 -5.62 8.60
C HIS A 21 -28.26 -5.19 7.12
N GLU A 22 -27.36 -4.24 6.73
CA GLU A 22 -27.22 -3.74 5.35
C GLU A 22 -26.78 -4.83 4.38
N PHE A 23 -25.96 -5.80 4.86
CA PHE A 23 -25.53 -6.91 4.01
C PHE A 23 -26.72 -7.88 3.78
N ASP A 24 -27.59 -8.00 4.77
CA ASP A 24 -28.78 -8.85 4.72
C ASP A 24 -29.89 -8.24 3.84
N SER A 25 -30.11 -6.91 3.94
CA SER A 25 -31.13 -6.15 3.21
C SER A 25 -31.02 -6.21 1.68
N LEU A 26 -29.86 -6.66 1.17
CA LEU A 26 -29.62 -6.78 -0.27
C LEU A 26 -30.28 -8.01 -0.86
N ARG A 27 -30.51 -9.06 -0.02
CA ARG A 27 -31.11 -10.36 -0.39
C ARG A 27 -30.35 -10.97 -1.58
N ASP A 28 -29.05 -10.65 -1.61
CA ASP A 28 -28.09 -10.99 -2.63
C ASP A 28 -27.45 -12.37 -2.41
N PRO A 29 -27.73 -13.36 -3.28
CA PRO A 29 -27.11 -14.69 -3.10
C PRO A 29 -25.57 -14.66 -3.16
N GLU A 30 -24.98 -13.69 -3.92
CA GLU A 30 -23.52 -13.54 -4.01
C GLU A 30 -22.90 -13.10 -2.68
N VAL A 31 -23.51 -12.09 -2.03
CA VAL A 31 -23.14 -11.50 -0.74
C VAL A 31 -23.28 -12.53 0.38
N ASN A 32 -24.39 -13.30 0.40
CA ASN A 32 -24.63 -14.32 1.42
C ASN A 32 -23.71 -15.52 1.30
N ASP A 33 -23.33 -15.89 0.07
CA ASP A 33 -22.41 -17.02 -0.13
C ASP A 33 -20.99 -16.68 0.32
N PHE A 34 -20.52 -15.44 0.04
CA PHE A 34 -19.21 -14.94 0.46
C PHE A 34 -19.15 -14.93 1.97
N ARG A 35 -20.09 -14.22 2.62
CA ARG A 35 -20.19 -14.05 4.07
C ARG A 35 -20.07 -15.35 4.86
N THR A 36 -20.75 -16.41 4.41
CA THR A 36 -20.76 -17.70 5.09
C THR A 36 -19.49 -18.49 4.83
N LYS A 37 -19.06 -18.57 3.57
CA LYS A 37 -17.86 -19.30 3.12
C LYS A 37 -16.59 -18.70 3.76
N MET A 38 -16.48 -17.37 3.73
CA MET A 38 -15.34 -16.63 4.31
C MET A 38 -15.33 -16.67 5.78
N ARG A 39 -16.50 -16.56 6.43
CA ARG A 39 -16.60 -16.70 7.89
C ARG A 39 -15.97 -18.01 8.31
N GLN A 40 -16.38 -19.12 7.67
CA GLN A 40 -15.87 -20.47 7.97
C GLN A 40 -14.38 -20.55 7.78
N PHE A 41 -13.86 -20.01 6.66
CA PHE A 41 -12.44 -19.97 6.29
C PHE A 41 -11.67 -19.22 7.36
N CYS A 42 -12.24 -18.10 7.85
CA CYS A 42 -11.62 -17.25 8.86
C CYS A 42 -11.68 -17.86 10.26
N GLU A 43 -12.72 -18.65 10.57
CA GLU A 43 -12.83 -19.35 11.85
C GLU A 43 -11.90 -20.57 11.83
N GLU A 44 -11.68 -21.17 10.64
CA GLU A 44 -10.74 -22.27 10.50
C GLU A 44 -9.31 -21.76 10.79
N ALA A 45 -8.98 -20.53 10.32
CA ALA A 45 -7.68 -19.87 10.51
C ALA A 45 -7.47 -19.42 11.96
N ALA A 46 -8.56 -19.00 12.64
CA ALA A 46 -8.52 -18.64 14.06
C ALA A 46 -8.26 -19.89 14.94
N ALA A 47 -8.82 -21.05 14.55
CA ALA A 47 -8.70 -22.32 15.26
C ALA A 47 -7.30 -22.92 15.13
N HIS A 48 -6.66 -22.75 13.96
CA HIS A 48 -5.30 -23.21 13.69
C HIS A 48 -4.30 -22.46 14.57
N ARG A 49 -4.57 -21.18 14.82
CA ARG A 49 -3.77 -20.27 15.63
C ARG A 49 -3.68 -20.66 17.10
N GLN A 50 -4.75 -21.23 17.65
CA GLN A 50 -4.78 -21.62 19.06
C GLN A 50 -4.01 -22.93 19.30
N GLN A 51 -3.80 -23.74 18.25
CA GLN A 51 -3.05 -24.99 18.35
C GLN A 51 -1.56 -24.79 17.96
N LEU A 52 -1.15 -23.51 17.71
CA LEU A 52 0.22 -23.15 17.35
C LEU A 52 1.11 -23.25 18.60
N GLY A 53 2.38 -23.58 18.38
CA GLY A 53 3.39 -23.59 19.44
C GLY A 53 3.62 -22.17 19.91
N TRP A 54 4.22 -21.97 21.11
CA TRP A 54 4.38 -20.61 21.64
C TRP A 54 5.31 -19.74 20.80
N VAL A 55 6.28 -20.32 20.07
CA VAL A 55 7.16 -19.56 19.18
C VAL A 55 6.40 -19.19 17.89
N GLU A 56 5.62 -20.13 17.33
CA GLU A 56 4.80 -19.88 16.14
C GLU A 56 3.76 -18.79 16.39
N TRP A 57 3.22 -18.72 17.60
CA TRP A 57 2.26 -17.70 18.00
C TRP A 57 2.94 -16.35 18.20
N LEU A 58 4.22 -16.34 18.55
CA LEU A 58 5.02 -15.11 18.64
C LEU A 58 5.26 -14.58 17.23
N GLN A 59 5.44 -15.48 16.25
CA GLN A 59 5.64 -15.15 14.84
C GLN A 59 4.36 -14.54 14.26
N TYR A 60 3.18 -14.94 14.81
CA TYR A 60 1.88 -14.42 14.39
C TYR A 60 1.67 -13.03 14.94
N SER A 61 1.63 -12.91 16.29
CA SER A 61 1.35 -11.69 17.03
C SER A 61 2.42 -10.67 16.95
N PHE A 62 3.69 -11.11 16.91
CA PHE A 62 4.80 -10.19 16.87
C PHE A 62 5.78 -10.63 15.80
N PRO A 63 5.50 -10.43 14.51
CA PRO A 63 6.47 -10.85 13.49
C PRO A 63 7.79 -10.10 13.65
N LEU A 64 8.92 -10.80 13.49
CA LEU A 64 10.25 -10.24 13.65
C LEU A 64 10.57 -9.03 12.78
N GLN A 65 11.03 -7.96 13.42
CA GLN A 65 11.48 -6.74 12.70
C GLN A 65 13.00 -6.84 12.44
N LEU A 66 13.37 -7.36 11.25
CA LEU A 66 14.77 -7.55 10.85
C LEU A 66 15.28 -6.52 9.82
N GLU A 67 16.60 -6.35 9.79
CA GLU A 67 17.31 -5.46 8.88
C GLU A 67 17.29 -6.05 7.48
N PRO A 68 17.07 -5.23 6.41
CA PRO A 68 16.98 -5.78 5.05
C PRO A 68 18.26 -6.37 4.48
N ASN A 82 32.50 -8.91 17.22
CA ASN A 82 32.99 -7.84 16.36
C ASN A 82 32.89 -6.45 17.01
N ARG A 83 31.70 -6.10 17.59
CA ARG A 83 31.47 -4.82 18.28
C ARG A 83 30.50 -4.96 19.47
N ALA A 84 31.00 -4.68 20.68
CA ALA A 84 30.27 -4.80 21.95
C ALA A 84 29.25 -3.70 22.16
N LEU A 85 28.27 -3.94 23.05
CA LEU A 85 27.19 -3.00 23.38
C LEU A 85 26.52 -3.30 24.72
N LEU A 86 26.05 -2.26 25.40
CA LEU A 86 25.35 -2.42 26.67
C LEU A 86 23.89 -2.78 26.38
N VAL A 87 23.34 -3.75 27.13
CA VAL A 87 21.95 -4.20 27.00
C VAL A 87 21.39 -4.36 28.42
N ASN A 88 20.24 -3.73 28.71
CA ASN A 88 19.58 -3.82 30.01
C ASN A 88 18.43 -4.82 29.91
N VAL A 89 18.43 -5.82 30.82
CA VAL A 89 17.44 -6.91 30.88
C VAL A 89 16.84 -7.00 32.25
N LYS A 90 15.55 -7.32 32.29
CA LYS A 90 14.77 -7.53 33.49
C LYS A 90 13.86 -8.70 33.22
N PHE A 91 13.23 -9.24 34.26
CA PHE A 91 12.24 -10.30 34.19
C PHE A 91 10.86 -9.66 34.41
N GLU A 92 9.79 -10.30 33.92
CA GLU A 92 8.41 -9.81 33.88
C GLU A 92 7.82 -9.18 35.17
N GLY A 93 7.85 -9.86 36.31
CA GLY A 93 7.23 -9.33 37.52
C GLY A 93 8.14 -8.63 38.53
N SER A 94 9.18 -7.93 38.03
CA SER A 94 10.18 -7.30 38.89
C SER A 94 10.77 -6.02 38.30
N GLU A 95 11.10 -5.06 39.18
CA GLU A 95 11.74 -3.78 38.82
C GLU A 95 13.24 -4.00 38.65
N GLU A 96 13.78 -5.08 39.25
CA GLU A 96 15.20 -5.43 39.19
C GLU A 96 15.68 -5.73 37.77
N SER A 97 16.79 -5.08 37.39
CA SER A 97 17.40 -5.24 36.07
C SER A 97 18.91 -5.49 36.16
N PHE A 98 19.56 -5.78 35.01
CA PHE A 98 20.99 -6.07 34.91
C PHE A 98 21.48 -5.53 33.57
N THR A 99 22.62 -4.78 33.57
CA THR A 99 23.23 -4.24 32.34
C THR A 99 24.49 -5.05 31.95
N PHE A 100 24.43 -5.66 30.75
CA PHE A 100 25.49 -6.51 30.20
C PHE A 100 26.21 -5.87 29.03
N GLN A 101 27.46 -6.28 28.82
CA GLN A 101 28.25 -5.86 27.68
C GLN A 101 28.34 -7.10 26.80
N VAL A 102 27.37 -7.21 25.87
CA VAL A 102 27.21 -8.30 24.90
C VAL A 102 27.82 -7.83 23.58
N SER A 103 27.81 -8.68 22.56
CA SER A 103 28.32 -8.42 21.22
C SER A 103 27.15 -8.30 20.23
N THR A 104 27.34 -7.54 19.13
CA THR A 104 26.35 -7.39 18.06
C THR A 104 26.15 -8.74 17.35
N LYS A 105 27.21 -9.60 17.33
CA LYS A 105 27.20 -10.92 16.71
C LYS A 105 26.51 -11.98 17.58
N ASP A 106 26.23 -11.67 18.86
CA ASP A 106 25.57 -12.58 19.80
C ASP A 106 24.11 -12.77 19.44
N MET A 107 23.60 -14.01 19.56
CA MET A 107 22.21 -14.39 19.30
C MET A 107 21.36 -14.02 20.55
N PRO A 108 20.02 -13.80 20.44
CA PRO A 108 19.21 -13.56 21.66
C PRO A 108 19.41 -14.63 22.76
N LEU A 109 19.62 -15.92 22.37
CA LEU A 109 19.86 -17.08 23.24
C LEU A 109 21.03 -16.89 24.21
N ALA A 110 22.16 -16.34 23.73
CA ALA A 110 23.33 -16.05 24.55
C ALA A 110 22.99 -14.96 25.60
N LEU A 111 22.24 -13.92 25.18
CA LEU A 111 21.75 -12.81 26.00
C LEU A 111 20.81 -13.34 27.09
N MET A 112 19.88 -14.22 26.72
CA MET A 112 18.92 -14.85 27.63
C MET A 112 19.61 -15.78 28.63
N ALA A 113 20.71 -16.44 28.20
CA ALA A 113 21.51 -17.35 29.03
C ALA A 113 22.20 -16.58 30.13
N CYS A 114 22.80 -15.40 29.78
CA CYS A 114 23.45 -14.45 30.68
C CYS A 114 22.45 -13.94 31.69
N ALA A 115 21.25 -13.55 31.21
CA ALA A 115 20.15 -13.03 32.02
C ALA A 115 19.67 -14.01 33.08
N LEU A 116 19.59 -15.30 32.73
CA LEU A 116 19.20 -16.37 33.64
C LEU A 116 20.29 -16.62 34.68
N ARG A 117 21.59 -16.56 34.26
CA ARG A 117 22.75 -16.71 35.15
C ARG A 117 22.71 -15.66 36.25
N LYS A 118 22.47 -14.38 35.89
CA LYS A 118 22.35 -13.27 36.84
C LYS A 118 21.15 -13.42 37.75
N LYS A 119 20.07 -14.09 37.28
CA LYS A 119 18.89 -14.33 38.10
C LYS A 119 19.26 -15.40 39.14
N ALA A 120 20.01 -16.44 38.72
CA ALA A 120 20.44 -17.55 39.57
C ALA A 120 21.33 -17.10 40.73
N THR A 121 22.31 -16.19 40.48
CA THR A 121 23.24 -15.67 41.50
C THR A 121 22.51 -14.79 42.54
N VAL A 122 21.68 -13.86 42.07
CA VAL A 122 20.85 -12.95 42.88
C VAL A 122 19.83 -13.75 43.72
N PHE A 123 19.12 -14.72 43.10
CA PHE A 123 18.11 -15.54 43.77
C PHE A 123 18.69 -16.79 44.44
N ARG A 124 20.04 -16.91 44.44
CA ARG A 124 20.86 -17.96 45.06
C ARG A 124 20.50 -19.38 44.63
N GLN A 125 19.95 -19.54 43.40
CA GLN A 125 19.51 -20.81 42.77
C GLN A 125 18.52 -21.61 43.64
N GLN A 130 16.55 -22.72 31.72
CA GLN A 130 16.68 -23.08 30.31
C GLN A 130 16.37 -21.87 29.39
N PRO A 131 17.41 -21.34 28.69
CA PRO A 131 17.20 -20.14 27.84
C PRO A 131 16.15 -20.26 26.74
N GLU A 132 15.94 -21.46 26.21
CA GLU A 132 15.01 -21.82 25.14
C GLU A 132 13.54 -21.71 25.53
N GLU A 133 13.25 -21.45 26.80
CA GLU A 133 11.88 -21.35 27.30
C GLU A 133 11.42 -19.87 27.39
N TYR A 134 12.25 -18.95 26.92
CA TYR A 134 12.05 -17.51 26.99
C TYR A 134 12.15 -16.78 25.66
N ALA A 135 11.69 -15.53 25.63
CA ALA A 135 11.81 -14.58 24.52
C ALA A 135 12.02 -13.19 25.11
N LEU A 136 12.69 -12.31 24.38
CA LEU A 136 13.02 -10.96 24.85
C LEU A 136 12.06 -9.92 24.28
N GLN A 137 11.25 -9.33 25.15
CA GLN A 137 10.31 -8.28 24.73
C GLN A 137 11.03 -6.98 24.74
N VAL A 138 10.77 -6.13 23.74
CA VAL A 138 11.30 -4.77 23.70
C VAL A 138 10.45 -4.00 24.69
N ASN A 139 11.06 -3.40 25.73
CA ASN A 139 10.38 -2.65 26.79
C ASN A 139 9.31 -1.69 26.28
N GLY A 140 8.07 -1.93 26.75
CA GLY A 140 6.89 -1.16 26.42
C GLY A 140 6.52 -1.13 24.94
N ARG A 141 6.77 -2.25 24.23
CA ARG A 141 6.49 -2.40 22.82
C ARG A 141 5.99 -3.80 22.53
N HIS A 142 5.16 -3.95 21.48
CA HIS A 142 4.74 -5.27 21.03
C HIS A 142 5.73 -5.72 19.95
N GLU A 143 7.00 -5.87 20.36
CA GLU A 143 8.13 -6.27 19.52
C GLU A 143 9.00 -7.19 20.37
N TYR A 144 9.37 -8.35 19.83
CA TYR A 144 10.20 -9.34 20.52
C TYR A 144 11.42 -9.69 19.74
N LEU A 145 12.43 -10.23 20.43
CA LEU A 145 13.71 -10.70 19.91
C LEU A 145 13.81 -12.17 20.27
N TYR A 146 13.82 -13.02 19.23
CA TYR A 146 13.92 -14.48 19.23
C TYR A 146 14.46 -14.92 17.85
N GLY A 147 14.82 -16.20 17.70
CA GLY A 147 15.35 -16.74 16.46
C GLY A 147 16.87 -16.68 16.37
N ASN A 148 17.46 -17.52 15.50
CA ASN A 148 18.90 -17.60 15.28
C ASN A 148 19.42 -16.50 14.35
N TYR A 149 19.46 -15.26 14.88
CA TYR A 149 19.90 -14.04 14.22
C TYR A 149 20.77 -13.21 15.17
N PRO A 150 22.00 -12.79 14.79
CA PRO A 150 22.78 -11.90 15.66
C PRO A 150 22.01 -10.62 15.97
N LEU A 151 22.34 -9.97 17.10
CA LEU A 151 21.63 -8.79 17.57
C LEU A 151 21.56 -7.64 16.56
N CYS A 152 22.62 -7.40 15.77
CA CYS A 152 22.65 -6.32 14.77
C CYS A 152 21.75 -6.57 13.51
N HIS A 153 21.02 -7.72 13.48
CA HIS A 153 20.06 -8.03 12.40
C HIS A 153 18.67 -7.57 12.82
N PHE A 154 18.50 -7.15 14.09
CA PHE A 154 17.24 -6.67 14.64
C PHE A 154 17.12 -5.17 14.46
N GLN A 155 15.96 -4.71 13.95
CA GLN A 155 15.65 -3.29 13.71
C GLN A 155 15.78 -2.44 14.95
N TYR A 156 15.34 -2.97 16.11
CA TYR A 156 15.40 -2.28 17.39
C TYR A 156 16.84 -2.07 17.85
N ILE A 157 17.69 -3.10 17.75
CA ILE A 157 19.09 -3.02 18.14
C ILE A 157 19.80 -1.93 17.34
N CYS A 158 19.53 -1.89 16.03
CA CYS A 158 20.05 -0.86 15.14
C CYS A 158 19.46 0.52 15.43
N SER A 159 18.19 0.59 15.83
CA SER A 159 17.53 1.84 16.24
C SER A 159 18.19 2.40 17.54
N CYS A 160 19.02 1.58 18.22
CA CYS A 160 19.78 1.88 19.44
C CYS A 160 21.28 2.08 19.15
N LEU A 161 21.86 1.30 18.20
CA LEU A 161 23.26 1.40 17.78
C LEU A 161 23.54 2.70 17.00
N HIS A 162 22.48 3.31 16.43
CA HIS A 162 22.58 4.56 15.66
C HIS A 162 22.23 5.79 16.48
N SER A 163 21.17 5.70 17.31
CA SER A 163 20.78 6.83 18.16
C SER A 163 21.67 6.89 19.43
N GLY A 164 22.57 5.90 19.59
CA GLY A 164 23.49 5.77 20.70
C GLY A 164 22.89 5.13 21.94
N LEU A 165 21.53 5.12 22.04
CA LEU A 165 20.71 4.59 23.14
C LEU A 165 21.03 3.15 23.55
N THR A 166 20.62 2.76 24.77
CA THR A 166 20.87 1.43 25.31
C THR A 166 19.61 0.57 25.19
N PRO A 167 19.67 -0.61 24.50
CA PRO A 167 18.48 -1.47 24.39
C PRO A 167 17.98 -1.97 25.75
N HIS A 168 16.68 -1.83 26.01
CA HIS A 168 16.01 -2.29 27.21
C HIS A 168 15.03 -3.41 26.82
N LEU A 169 15.28 -4.61 27.39
CA LEU A 169 14.56 -5.86 27.09
C LEU A 169 14.08 -6.56 28.29
N THR A 170 12.98 -7.34 28.15
CA THR A 170 12.31 -8.08 29.24
C THR A 170 12.24 -9.55 28.90
N MET A 171 12.65 -10.43 29.83
CA MET A 171 12.59 -11.87 29.67
C MET A 171 11.16 -12.34 29.86
N VAL A 172 10.52 -12.82 28.78
CA VAL A 172 9.14 -13.30 28.88
C VAL A 172 9.12 -14.82 28.64
N HIS A 173 8.68 -15.56 29.66
CA HIS A 173 8.62 -17.02 29.67
C HIS A 173 7.51 -17.53 28.76
N SER A 174 7.70 -18.73 28.20
CA SER A 174 6.76 -19.44 27.33
C SER A 174 5.31 -19.44 27.85
N SER A 175 5.12 -19.72 29.16
CA SER A 175 3.82 -19.76 29.85
C SER A 175 3.11 -18.40 29.86
N SER A 176 3.89 -17.31 29.85
CA SER A 176 3.37 -15.95 29.85
C SER A 176 2.89 -15.52 28.45
N ILE A 177 3.41 -16.19 27.40
CA ILE A 177 3.05 -16.00 25.99
C ILE A 177 1.84 -16.91 25.69
N LEU A 178 1.72 -18.03 26.41
CA LEU A 178 0.61 -18.94 26.27
C LEU A 178 -0.61 -18.44 27.02
N ALA A 179 -0.39 -17.63 28.08
CA ALA A 179 -1.48 -16.98 28.80
C ALA A 179 -2.06 -15.89 27.88
N MET A 180 -1.19 -15.22 27.09
CA MET A 180 -1.54 -14.22 26.08
C MET A 180 -2.43 -14.81 25.00
N ARG A 181 -2.01 -15.95 24.39
CA ARG A 181 -2.73 -16.70 23.36
C ARG A 181 -4.16 -17.00 23.79
N ASP A 182 -4.32 -17.61 24.98
CA ASP A 182 -5.58 -18.04 25.56
C ASP A 182 -6.56 -16.89 25.79
N GLU A 183 -6.09 -15.74 26.31
CA GLU A 183 -6.95 -14.57 26.52
C GLU A 183 -7.34 -13.90 25.18
N GLN A 184 -6.61 -14.23 24.08
CA GLN A 184 -6.82 -13.69 22.75
C GLN A 184 -7.62 -14.60 21.80
N SER A 185 -8.26 -15.66 22.32
CA SER A 185 -9.06 -16.57 21.50
C SER A 185 -10.50 -16.06 21.31
N ASN A 186 -11.23 -16.64 20.33
CA ASN A 186 -12.60 -16.31 19.95
C ASN A 186 -13.62 -16.94 20.91
N LEU A 211 -22.61 -22.45 -23.76
CA LEU A 211 -21.52 -23.36 -24.08
C LEU A 211 -21.07 -23.24 -25.55
N TRP A 212 -20.17 -24.16 -26.03
CA TRP A 212 -19.61 -24.18 -27.39
C TRP A 212 -20.67 -24.44 -28.50
N SER A 213 -21.88 -24.88 -28.11
CA SER A 213 -23.03 -25.18 -28.98
C SER A 213 -23.74 -23.94 -29.56
N LEU A 214 -23.50 -22.75 -28.96
CA LEU A 214 -24.19 -21.50 -29.33
C LEU A 214 -23.37 -20.59 -30.25
N GLU A 215 -23.41 -20.84 -31.56
CA GLU A 215 -22.66 -20.04 -32.55
C GLU A 215 -23.34 -18.75 -33.02
N GLN A 216 -24.53 -18.43 -32.47
CA GLN A 216 -25.25 -17.19 -32.84
C GLN A 216 -24.53 -15.99 -32.27
N PRO A 217 -24.61 -14.80 -32.91
CA PRO A 217 -23.95 -13.63 -32.32
C PRO A 217 -24.54 -13.24 -30.96
N PHE A 218 -23.68 -12.65 -30.11
CA PHE A 218 -24.12 -12.08 -28.84
C PHE A 218 -24.82 -10.76 -29.22
N SER A 219 -25.98 -10.52 -28.59
CA SER A 219 -26.76 -9.32 -28.81
C SER A 219 -27.51 -9.00 -27.54
N ILE A 220 -27.97 -7.74 -27.39
CA ILE A 220 -28.80 -7.33 -26.24
C ILE A 220 -30.01 -6.52 -26.73
N GLU A 221 -30.97 -6.29 -25.84
CA GLU A 221 -32.09 -5.40 -26.10
C GLU A 221 -31.85 -4.18 -25.17
N LEU A 222 -31.59 -3.01 -25.75
CA LEU A 222 -31.42 -1.78 -24.99
C LEU A 222 -32.85 -1.22 -24.86
N ILE A 223 -33.47 -1.36 -23.68
CA ILE A 223 -34.84 -0.89 -23.47
C ILE A 223 -34.92 0.65 -23.29
N GLU A 224 -34.61 1.20 -22.08
CA GLU A 224 -34.77 2.64 -21.78
C GLU A 224 -33.83 3.21 -20.68
N GLY A 225 -33.86 4.56 -20.49
CA GLY A 225 -33.09 5.32 -19.50
C GLY A 225 -33.94 6.03 -18.45
N ARG A 226 -33.30 6.71 -17.43
CA ARG A 226 -33.95 7.44 -16.31
C ARG A 226 -33.07 8.63 -15.71
N LYS A 227 -32.37 9.37 -16.60
CA LYS A 227 -31.29 10.38 -16.37
C LYS A 227 -31.58 11.92 -16.51
N VAL A 228 -30.48 12.75 -16.65
CA VAL A 228 -30.42 14.23 -16.75
C VAL A 228 -29.26 14.74 -17.71
N ASN A 229 -29.55 15.71 -18.64
CA ASN A 229 -28.61 16.44 -19.57
C ASN A 229 -29.30 17.60 -20.38
N ALA A 230 -28.48 18.49 -20.97
CA ALA A 230 -28.89 19.65 -21.78
C ALA A 230 -28.93 19.32 -23.26
N MET A 234 -30.12 18.90 -27.93
CA MET A 234 -29.14 17.81 -27.82
C MET A 234 -29.77 16.40 -27.85
N LYS A 235 -28.98 15.40 -28.29
CA LYS A 235 -29.44 14.00 -28.40
C LYS A 235 -28.66 13.03 -27.50
N LEU A 236 -29.29 11.91 -27.12
CA LEU A 236 -28.70 10.85 -26.32
C LEU A 236 -28.29 9.64 -27.17
N VAL A 237 -27.11 9.07 -26.85
CA VAL A 237 -26.53 7.91 -27.51
C VAL A 237 -25.95 6.99 -26.45
N VAL A 238 -26.11 5.70 -26.66
CA VAL A 238 -25.54 4.64 -25.84
C VAL A 238 -24.46 3.90 -26.67
N GLN A 239 -23.24 3.86 -26.15
CA GLN A 239 -22.16 3.07 -26.71
C GLN A 239 -22.07 1.81 -25.82
N ALA A 240 -21.89 0.65 -26.44
CA ALA A 240 -21.78 -0.63 -25.77
C ALA A 240 -20.62 -1.40 -26.38
N GLY A 241 -19.83 -2.02 -25.54
CA GLY A 241 -18.66 -2.78 -25.96
C GLY A 241 -18.43 -3.96 -25.06
N LEU A 242 -17.92 -5.06 -25.65
CA LEU A 242 -17.58 -6.27 -24.93
C LEU A 242 -16.08 -6.28 -24.70
N PHE A 243 -15.67 -6.43 -23.43
CA PHE A 243 -14.26 -6.43 -23.09
C PHE A 243 -13.84 -7.64 -22.28
N HIS A 244 -12.57 -7.96 -22.40
CA HIS A 244 -11.82 -8.95 -21.64
C HIS A 244 -10.65 -8.11 -21.17
N GLY A 245 -10.84 -7.48 -20.02
CA GLY A 245 -9.85 -6.59 -19.46
C GLY A 245 -9.81 -5.30 -20.23
N ASN A 246 -8.60 -4.94 -20.68
CA ASN A 246 -8.28 -3.71 -21.42
C ASN A 246 -8.60 -3.79 -22.91
N GLU A 247 -8.95 -4.99 -23.41
CA GLU A 247 -9.17 -5.15 -24.82
C GLU A 247 -10.59 -5.53 -25.20
N MET A 248 -11.01 -5.05 -26.37
CA MET A 248 -12.31 -5.30 -26.95
C MET A 248 -12.28 -6.67 -27.56
N LEU A 249 -13.36 -7.42 -27.34
CA LEU A 249 -13.58 -8.77 -27.90
C LEU A 249 -14.12 -8.67 -29.32
N CYS A 250 -14.76 -7.53 -29.64
CA CYS A 250 -15.34 -7.16 -30.92
C CYS A 250 -15.47 -5.65 -30.98
N LYS A 251 -15.94 -5.10 -32.10
CA LYS A 251 -16.10 -3.65 -32.26
C LYS A 251 -17.29 -3.11 -31.44
N THR A 252 -17.10 -1.93 -30.83
CA THR A 252 -18.09 -1.26 -29.99
C THR A 252 -19.30 -0.84 -30.81
N VAL A 253 -20.49 -1.29 -30.39
CA VAL A 253 -21.74 -0.96 -31.09
C VAL A 253 -22.41 0.25 -30.47
N SER A 254 -23.12 1.03 -31.30
CA SER A 254 -23.82 2.22 -30.87
C SER A 254 -25.34 2.10 -31.00
N SER A 255 -26.02 2.96 -30.27
CA SER A 255 -27.45 3.14 -30.20
C SER A 255 -27.85 4.20 -31.22
N SER A 256 -29.15 4.32 -31.49
CA SER A 256 -29.72 5.34 -32.36
C SER A 256 -29.85 6.60 -31.52
N GLU A 257 -29.68 7.77 -32.16
CA GLU A 257 -29.82 9.05 -31.45
C GLU A 257 -31.30 9.21 -31.12
N VAL A 258 -31.59 9.42 -29.84
CA VAL A 258 -32.92 9.65 -29.27
C VAL A 258 -32.81 11.03 -28.59
N ASN A 259 -33.79 11.94 -28.80
CA ASN A 259 -33.80 13.29 -28.22
C ASN A 259 -33.71 13.27 -26.69
N VAL A 260 -32.96 14.22 -26.11
CA VAL A 260 -32.78 14.35 -24.65
C VAL A 260 -34.10 14.55 -23.91
N CYS A 261 -34.26 13.78 -22.80
CA CYS A 261 -35.34 13.83 -21.82
C CYS A 261 -34.89 13.02 -20.61
N SER A 262 -35.68 13.02 -19.52
CA SER A 262 -35.34 12.25 -18.32
C SER A 262 -35.52 10.74 -18.50
N GLU A 263 -36.52 10.28 -19.28
CA GLU A 263 -36.76 8.83 -19.45
C GLU A 263 -36.68 8.41 -20.94
N PRO A 264 -35.47 8.37 -21.55
CA PRO A 264 -35.37 8.02 -22.97
C PRO A 264 -35.71 6.56 -23.29
N VAL A 265 -36.30 6.29 -24.46
CA VAL A 265 -36.71 4.93 -24.86
C VAL A 265 -36.00 4.56 -26.15
N TRP A 266 -35.47 3.33 -26.20
CA TRP A 266 -34.78 2.82 -27.39
C TRP A 266 -35.43 1.54 -27.93
N LYS A 267 -35.68 0.54 -27.05
CA LYS A 267 -36.23 -0.79 -27.39
C LYS A 267 -35.53 -1.37 -28.65
N GLN A 268 -34.23 -1.06 -28.78
CA GLN A 268 -33.35 -1.39 -29.89
C GLN A 268 -32.45 -2.56 -29.58
N ARG A 269 -32.38 -3.54 -30.50
CA ARG A 269 -31.49 -4.69 -30.36
C ARG A 269 -30.09 -4.26 -30.79
N LEU A 270 -29.08 -4.50 -29.94
CA LEU A 270 -27.68 -4.16 -30.24
C LEU A 270 -26.93 -5.48 -30.44
N GLU A 271 -26.43 -5.72 -31.67
CA GLU A 271 -25.74 -6.95 -32.03
C GLU A 271 -24.23 -6.77 -32.09
N PHE A 272 -23.53 -7.71 -31.45
CA PHE A 272 -22.06 -7.75 -31.37
C PHE A 272 -21.45 -8.74 -32.34
N ASP A 273 -20.34 -8.35 -32.97
CA ASP A 273 -19.58 -9.13 -33.95
C ASP A 273 -18.75 -10.22 -33.24
N ILE A 274 -19.45 -11.06 -32.47
CA ILE A 274 -18.89 -12.17 -31.69
C ILE A 274 -19.97 -13.22 -31.38
N SER A 275 -19.62 -14.49 -31.49
CA SER A 275 -20.51 -15.60 -31.22
C SER A 275 -20.63 -15.88 -29.70
N VAL A 276 -21.84 -16.26 -29.23
CA VAL A 276 -22.15 -16.56 -27.81
C VAL A 276 -21.20 -17.62 -27.21
N CYS A 277 -20.79 -18.61 -28.03
CA CYS A 277 -19.88 -19.69 -27.64
C CYS A 277 -18.43 -19.18 -27.46
N ASP A 278 -18.15 -17.96 -27.96
CA ASP A 278 -16.83 -17.35 -27.92
C ASP A 278 -16.68 -16.31 -26.80
N LEU A 279 -17.67 -16.22 -25.92
CA LEU A 279 -17.61 -15.29 -24.81
C LEU A 279 -16.66 -15.85 -23.75
N PRO A 280 -15.49 -15.22 -23.48
CA PRO A 280 -14.61 -15.74 -22.41
C PRO A 280 -15.28 -15.53 -21.06
N ARG A 281 -14.95 -16.39 -20.10
CA ARG A 281 -15.51 -16.40 -18.77
C ARG A 281 -15.58 -15.01 -18.12
N MET A 282 -14.50 -14.22 -18.23
CA MET A 282 -14.44 -12.89 -17.59
C MET A 282 -14.87 -11.75 -18.52
N ALA A 283 -15.74 -12.05 -19.51
CA ALA A 283 -16.25 -11.05 -20.45
C ALA A 283 -17.09 -9.99 -19.68
N ARG A 284 -16.93 -8.72 -20.06
CA ARG A 284 -17.55 -7.56 -19.47
C ARG A 284 -18.34 -6.80 -20.54
N LEU A 285 -19.65 -6.63 -20.33
CA LEU A 285 -20.46 -5.83 -21.24
C LEU A 285 -20.47 -4.43 -20.66
N CYS A 286 -19.76 -3.53 -21.33
CA CYS A 286 -19.60 -2.15 -20.88
C CYS A 286 -20.47 -1.15 -21.64
N PHE A 287 -21.06 -0.20 -20.90
CA PHE A 287 -21.96 0.85 -21.40
C PHE A 287 -21.48 2.24 -21.08
N ALA A 288 -21.80 3.17 -21.99
CA ALA A 288 -21.52 4.60 -21.88
C ALA A 288 -22.73 5.35 -22.45
N LEU A 289 -23.27 6.25 -21.62
CA LEU A 289 -24.39 7.11 -21.97
C LEU A 289 -23.82 8.48 -22.12
N TYR A 290 -23.99 9.06 -23.29
CA TYR A 290 -23.49 10.39 -23.59
C TYR A 290 -24.46 11.19 -24.43
N ALA A 291 -24.36 12.51 -24.33
CA ALA A 291 -25.19 13.45 -25.07
C ALA A 291 -24.35 14.07 -26.16
N VAL A 292 -24.86 13.99 -27.40
CA VAL A 292 -24.21 14.49 -28.60
C VAL A 292 -25.11 15.49 -29.37
N VAL A 293 -24.47 16.40 -30.15
CA VAL A 293 -25.14 17.40 -30.99
C VAL A 293 -25.37 16.77 -32.37
N ASP A 310 -19.83 15.80 -28.35
CA ASP A 310 -19.96 14.74 -27.35
C ASP A 310 -19.80 15.28 -25.94
N CYS A 311 -20.66 14.82 -25.02
CA CYS A 311 -20.65 15.17 -23.60
C CYS A 311 -20.96 13.90 -22.77
N PRO A 312 -19.99 13.32 -22.03
CA PRO A 312 -20.29 12.09 -21.26
C PRO A 312 -21.21 12.35 -20.07
N ILE A 313 -22.08 11.39 -19.77
CA ILE A 313 -23.02 11.53 -18.68
C ILE A 313 -22.79 10.46 -17.61
N ALA A 314 -22.92 9.18 -18.01
CA ALA A 314 -22.84 8.04 -17.11
C ALA A 314 -22.27 6.80 -17.81
N TRP A 315 -21.75 5.86 -17.02
CA TRP A 315 -21.20 4.60 -17.47
C TRP A 315 -21.63 3.49 -16.49
N ALA A 316 -21.68 2.24 -16.96
CA ALA A 316 -22.05 1.03 -16.18
C ALA A 316 -21.51 -0.20 -16.88
N ASN A 317 -21.05 -1.20 -16.11
CA ASN A 317 -20.52 -2.45 -16.64
C ASN A 317 -21.19 -3.61 -15.94
N LEU A 318 -21.15 -4.81 -16.56
CA LEU A 318 -21.66 -6.04 -16.00
C LEU A 318 -21.01 -7.24 -16.64
N MET A 319 -20.68 -8.27 -15.81
CA MET A 319 -20.09 -9.53 -16.27
C MET A 319 -21.21 -10.28 -17.01
N LEU A 320 -20.89 -11.02 -18.10
CA LEU A 320 -21.89 -11.78 -18.85
C LEU A 320 -22.29 -13.08 -18.18
N PHE A 321 -21.45 -13.58 -17.26
CA PHE A 321 -21.66 -14.79 -16.45
C PHE A 321 -21.72 -14.34 -14.99
N ASP A 322 -22.54 -15.00 -14.15
CA ASP A 322 -22.65 -14.65 -12.72
C ASP A 322 -21.57 -15.40 -11.91
N TYR A 323 -21.52 -15.17 -10.59
CA TYR A 323 -20.55 -15.81 -9.68
C TYR A 323 -20.63 -17.35 -9.65
N LYS A 324 -21.73 -17.93 -10.17
CA LYS A 324 -21.97 -19.37 -10.27
C LYS A 324 -21.67 -19.88 -11.68
N ASP A 325 -21.02 -19.01 -12.52
CA ASP A 325 -20.57 -19.19 -13.91
C ASP A 325 -21.71 -19.26 -14.96
N GLN A 326 -22.97 -19.09 -14.54
CA GLN A 326 -24.10 -19.13 -15.48
C GLN A 326 -24.20 -17.87 -16.33
N LEU A 327 -24.43 -18.04 -17.63
CA LEU A 327 -24.61 -16.93 -18.58
C LEU A 327 -25.95 -16.24 -18.24
N LYS A 328 -25.90 -14.93 -17.99
CA LYS A 328 -27.03 -14.09 -17.58
C LYS A 328 -28.15 -13.92 -18.60
N THR A 329 -29.39 -13.95 -18.10
CA THR A 329 -30.69 -13.67 -18.74
C THR A 329 -31.54 -13.15 -17.56
N GLY A 330 -32.47 -12.21 -17.73
CA GLY A 330 -32.83 -11.52 -18.95
C GLY A 330 -32.90 -10.03 -18.71
N GLU A 331 -33.83 -9.57 -17.86
CA GLU A 331 -33.94 -8.14 -17.55
C GLU A 331 -32.94 -7.70 -16.49
N ARG A 332 -32.23 -6.61 -16.79
CA ARG A 332 -31.23 -6.00 -15.92
C ARG A 332 -31.43 -4.52 -15.89
N CYS A 333 -31.49 -3.95 -14.68
CA CYS A 333 -31.54 -2.50 -14.46
C CYS A 333 -30.16 -2.09 -13.93
N LEU A 334 -29.51 -1.20 -14.68
CA LEU A 334 -28.14 -0.78 -14.39
C LEU A 334 -28.05 0.61 -13.80
N TYR A 335 -27.73 0.68 -12.51
CA TYR A 335 -27.59 1.97 -11.86
C TYR A 335 -26.19 2.52 -12.15
N MET A 336 -26.20 3.45 -13.09
CA MET A 336 -25.04 4.06 -13.70
C MET A 336 -24.27 4.96 -12.75
N TRP A 337 -23.01 5.20 -13.12
CA TRP A 337 -22.09 5.98 -12.34
C TRP A 337 -21.79 7.29 -13.06
N PRO A 338 -21.65 8.43 -12.34
CA PRO A 338 -21.32 9.69 -13.03
C PRO A 338 -20.02 9.58 -13.83
N SER A 339 -19.95 10.24 -14.99
CA SER A 339 -18.74 10.20 -15.82
C SER A 339 -17.77 11.33 -15.48
N VAL A 340 -16.46 11.08 -15.75
CA VAL A 340 -15.28 11.95 -15.53
C VAL A 340 -15.56 13.43 -15.81
N LEU A 347 -14.17 7.13 -23.27
CA LEU A 347 -15.50 7.29 -22.67
C LEU A 347 -15.98 5.99 -22.00
N LEU A 348 -15.85 4.84 -22.74
CA LEU A 348 -16.21 3.48 -22.28
C LEU A 348 -15.16 3.16 -21.18
N ASN A 349 -15.62 2.61 -20.03
CA ASN A 349 -14.72 2.36 -18.89
C ASN A 349 -14.62 0.88 -18.49
N PRO A 350 -13.89 0.03 -19.25
CA PRO A 350 -13.82 -1.41 -18.91
C PRO A 350 -13.30 -1.74 -17.50
N ALA A 351 -12.33 -0.94 -16.99
CA ALA A 351 -11.72 -1.08 -15.67
C ALA A 351 -12.66 -0.84 -14.46
N GLY A 352 -13.69 -0.02 -14.66
CA GLY A 352 -14.67 0.32 -13.64
C GLY A 352 -15.50 -0.84 -13.15
N THR A 353 -15.98 -0.74 -11.89
CA THR A 353 -16.81 -1.70 -11.14
C THR A 353 -18.01 -2.24 -11.95
N VAL A 354 -18.27 -3.54 -11.81
CA VAL A 354 -19.37 -4.30 -12.44
C VAL A 354 -20.63 -4.28 -11.54
N ARG A 355 -20.56 -3.54 -10.41
CA ARG A 355 -21.68 -3.43 -9.50
C ARG A 355 -22.28 -2.03 -9.66
N GLY A 356 -23.59 -1.98 -9.74
CA GLY A 356 -24.31 -0.74 -9.95
C GLY A 356 -24.23 0.20 -8.77
N ASN A 357 -24.55 1.45 -9.03
CA ASN A 357 -24.55 2.54 -8.07
C ASN A 357 -25.53 2.26 -6.93
N PRO A 358 -25.06 2.16 -5.64
CA PRO A 358 -26.00 1.92 -4.53
C PRO A 358 -26.98 3.07 -4.29
N ASN A 359 -26.64 4.25 -4.83
CA ASN A 359 -27.43 5.49 -4.79
C ASN A 359 -28.55 5.39 -5.86
N THR A 360 -29.48 4.44 -5.70
CA THR A 360 -30.59 4.16 -6.64
C THR A 360 -31.74 5.21 -6.64
N GLU A 361 -31.52 6.39 -6.00
CA GLU A 361 -32.45 7.50 -5.84
C GLU A 361 -32.08 8.69 -6.75
N SER A 362 -30.77 8.91 -6.93
CA SER A 362 -30.22 9.99 -7.74
C SER A 362 -29.54 9.43 -8.99
N ALA A 363 -29.21 8.13 -8.98
CA ALA A 363 -28.53 7.49 -10.12
C ALA A 363 -29.42 7.24 -11.32
N ALA A 364 -28.83 7.49 -12.51
CA ALA A 364 -29.40 7.23 -13.83
C ALA A 364 -29.42 5.70 -13.98
N ALA A 365 -30.51 5.14 -14.54
CA ALA A 365 -30.72 3.70 -14.70
C ALA A 365 -30.91 3.34 -16.15
N LEU A 366 -30.12 2.37 -16.63
CA LEU A 366 -30.18 1.89 -18.00
C LEU A 366 -30.79 0.51 -17.95
N VAL A 367 -31.98 0.35 -18.54
CA VAL A 367 -32.66 -0.94 -18.55
C VAL A 367 -32.29 -1.65 -19.84
N ILE A 368 -31.84 -2.91 -19.69
CA ILE A 368 -31.44 -3.76 -20.81
C ILE A 368 -32.06 -5.15 -20.65
N TYR A 369 -32.04 -5.93 -21.73
CA TYR A 369 -32.51 -7.31 -21.74
C TYR A 369 -31.45 -8.20 -22.40
N LEU A 370 -31.01 -9.24 -21.68
CA LEU A 370 -30.04 -10.23 -22.16
C LEU A 370 -30.95 -11.33 -22.69
N PRO A 371 -31.01 -11.53 -24.02
CA PRO A 371 -31.95 -12.53 -24.55
C PRO A 371 -31.60 -13.97 -24.19
N GLU A 372 -32.62 -14.78 -23.83
CA GLU A 372 -32.47 -16.21 -23.51
C GLU A 372 -32.00 -16.95 -24.75
N VAL A 373 -31.04 -17.87 -24.58
CA VAL A 373 -30.44 -18.69 -25.65
C VAL A 373 -30.74 -20.19 -25.43
N ALA A 374 -31.73 -20.46 -24.55
CA ALA A 374 -32.19 -21.80 -24.14
C ALA A 374 -33.34 -22.29 -25.03
N PRO A 377 -30.59 -23.46 -19.34
CA PRO A 377 -29.48 -22.87 -18.55
C PRO A 377 -28.12 -23.23 -19.14
N VAL A 378 -27.30 -22.21 -19.37
CA VAL A 378 -25.96 -22.31 -19.97
C VAL A 378 -24.87 -21.84 -19.01
N TYR A 379 -24.06 -22.78 -18.55
CA TYR A 379 -22.96 -22.59 -17.60
C TYR A 379 -21.67 -22.56 -18.38
N PHE A 380 -20.64 -21.90 -17.81
CA PHE A 380 -19.35 -21.90 -18.48
C PHE A 380 -18.74 -23.30 -18.33
N PRO A 381 -18.16 -23.91 -19.40
CA PRO A 381 -17.58 -25.26 -19.25
C PRO A 381 -16.52 -25.34 -18.17
N ALA A 382 -16.58 -26.40 -17.35
CA ALA A 382 -15.64 -26.73 -16.27
C ALA A 382 -14.24 -26.89 -16.87
N LEU A 383 -13.21 -26.70 -16.05
CA LEU A 383 -11.81 -26.82 -16.48
C LEU A 383 -11.49 -28.17 -17.18
N GLU A 384 -12.13 -29.29 -16.75
CA GLU A 384 -11.88 -30.62 -17.35
C GLU A 384 -12.33 -30.70 -18.83
N LYS A 385 -13.28 -29.82 -19.24
CA LYS A 385 -13.78 -29.74 -20.60
C LYS A 385 -12.88 -28.82 -21.43
N ILE A 386 -12.42 -27.71 -20.78
CA ILE A 386 -11.53 -26.70 -21.37
C ILE A 386 -10.19 -27.39 -21.69
N LEU A 387 -9.63 -28.15 -20.73
CA LEU A 387 -8.36 -28.88 -20.86
C LEU A 387 -8.40 -29.95 -21.97
N GLU A 388 -9.49 -30.77 -21.99
CA GLU A 388 -9.72 -31.81 -23.00
C GLU A 388 -9.63 -31.20 -24.40
N LEU A 389 -10.33 -30.04 -24.63
CA LEU A 389 -10.36 -29.29 -25.89
C LEU A 389 -8.97 -28.76 -26.21
N GLY A 390 -8.39 -28.08 -25.23
CA GLY A 390 -7.07 -27.46 -25.17
C GLY A 390 -5.90 -28.36 -25.56
N ARG A 391 -5.93 -29.64 -25.11
CA ARG A 391 -4.94 -30.70 -25.38
C ARG A 391 -4.86 -30.97 -26.89
N HIS A 392 -6.02 -30.79 -27.59
CA HIS A 392 -6.36 -31.02 -29.00
C HIS A 392 -6.77 -32.50 -29.23
N GLU A 401 11.56 -23.75 -37.04
CA GLU A 401 12.79 -23.40 -37.78
C GLU A 401 13.72 -22.61 -36.86
N GLU A 402 15.05 -22.64 -37.12
CA GLU A 402 16.04 -21.91 -36.31
C GLU A 402 15.84 -20.39 -36.40
N GLN A 403 15.17 -19.93 -37.49
CA GLN A 403 14.81 -18.54 -37.80
C GLN A 403 14.00 -17.95 -36.66
N LEU A 404 13.13 -18.79 -36.06
CA LEU A 404 12.34 -18.48 -34.88
C LEU A 404 13.07 -19.23 -33.74
N GLN A 405 13.73 -18.57 -32.79
CA GLN A 405 13.79 -17.16 -32.45
C GLN A 405 14.85 -16.36 -33.22
N LEU A 406 14.59 -15.11 -33.76
CA LEU A 406 13.41 -14.21 -33.99
C LEU A 406 12.56 -13.81 -32.77
N ARG A 407 11.93 -14.78 -32.07
CA ARG A 407 11.10 -14.42 -30.93
C ARG A 407 11.95 -14.04 -29.70
N GLU A 408 13.28 -14.35 -29.72
CA GLU A 408 14.27 -14.01 -28.68
C GLU A 408 14.51 -12.50 -28.73
N ILE A 409 14.66 -11.95 -29.96
CA ILE A 409 14.93 -10.53 -30.23
C ILE A 409 13.74 -9.61 -29.86
N LEU A 410 12.50 -10.14 -29.88
CA LEU A 410 11.32 -9.35 -29.53
C LEU A 410 10.88 -9.59 -28.08
N GLU A 411 11.71 -10.31 -27.30
CA GLU A 411 11.42 -10.62 -25.89
C GLU A 411 12.42 -9.99 -24.89
N ARG A 412 12.72 -8.68 -25.07
CA ARG A 412 13.61 -7.91 -24.18
C ARG A 412 13.34 -6.41 -24.23
N GLU A 417 2.93 -4.11 -27.11
CA GLU A 417 3.72 -3.15 -27.89
C GLU A 417 4.50 -3.86 -29.02
N LEU A 418 3.74 -4.57 -29.89
CA LEU A 418 4.31 -5.32 -31.03
C LEU A 418 3.32 -5.40 -32.20
N TYR A 419 3.84 -5.68 -33.41
CA TYR A 419 3.03 -5.79 -34.62
C TYR A 419 2.36 -7.16 -34.71
N GLU A 420 1.26 -7.24 -35.48
CA GLU A 420 0.45 -8.44 -35.72
C GLU A 420 1.28 -9.65 -36.17
N HIS A 421 2.29 -9.46 -37.07
CA HIS A 421 3.14 -10.58 -37.55
C HIS A 421 3.95 -11.20 -36.41
N GLU A 422 4.41 -10.35 -35.48
CA GLU A 422 5.18 -10.72 -34.28
C GLU A 422 4.28 -11.45 -33.27
N LYS A 423 2.97 -11.11 -33.22
CA LYS A 423 1.97 -11.74 -32.34
C LYS A 423 1.66 -13.14 -32.85
N ASP A 424 1.74 -13.34 -34.17
CA ASP A 424 1.48 -14.64 -34.83
C ASP A 424 2.64 -15.58 -34.56
N LEU A 425 3.87 -15.00 -34.50
CA LEU A 425 5.13 -15.68 -34.20
C LEU A 425 5.04 -16.25 -32.77
N VAL A 426 4.67 -15.39 -31.78
CA VAL A 426 4.50 -15.74 -30.36
C VAL A 426 3.42 -16.83 -30.21
N TRP A 427 2.28 -16.70 -30.92
CA TRP A 427 1.23 -17.71 -30.85
C TRP A 427 1.66 -19.07 -31.42
N LYS A 428 2.48 -19.06 -32.51
CA LYS A 428 3.04 -20.27 -33.14
C LYS A 428 4.03 -20.92 -32.16
N MET A 429 4.92 -20.08 -31.60
CA MET A 429 5.97 -20.46 -30.66
C MET A 429 5.51 -20.69 -29.21
N ARG A 430 4.20 -20.56 -28.91
CA ARG A 430 3.60 -20.71 -27.57
C ARG A 430 4.15 -21.87 -26.69
N HIS A 431 4.45 -23.05 -27.30
CA HIS A 431 4.97 -24.23 -26.60
C HIS A 431 6.42 -23.99 -26.20
N GLU A 432 7.18 -23.38 -27.11
CA GLU A 432 8.60 -23.05 -26.95
C GLU A 432 8.80 -21.95 -25.90
N VAL A 433 7.75 -21.09 -25.68
CA VAL A 433 7.71 -20.05 -24.66
C VAL A 433 7.62 -20.76 -23.30
N GLN A 434 6.73 -21.76 -23.16
CA GLN A 434 6.57 -22.53 -21.93
C GLN A 434 7.84 -23.29 -21.56
N GLU A 435 8.54 -23.81 -22.59
CA GLU A 435 9.74 -24.63 -22.48
C GLU A 435 11.02 -23.86 -22.15
N HIS A 436 11.27 -22.73 -22.83
CA HIS A 436 12.52 -22.00 -22.67
C HIS A 436 12.40 -20.53 -22.21
N PHE A 437 11.16 -19.98 -22.15
CA PHE A 437 10.92 -18.61 -21.70
C PHE A 437 9.68 -18.54 -20.77
N PRO A 438 9.57 -19.38 -19.70
CA PRO A 438 8.36 -19.33 -18.85
C PRO A 438 7.95 -17.94 -18.34
N GLU A 439 8.93 -17.05 -18.11
CA GLU A 439 8.75 -15.67 -17.64
C GLU A 439 8.11 -14.75 -18.68
N ALA A 440 8.06 -15.20 -19.95
CA ALA A 440 7.42 -14.44 -21.04
C ALA A 440 5.91 -14.72 -21.09
N LEU A 441 5.35 -15.50 -20.12
CA LEU A 441 3.93 -15.86 -20.02
C LEU A 441 2.98 -14.68 -20.29
N ALA A 442 3.26 -13.50 -19.68
CA ALA A 442 2.50 -12.26 -19.83
C ALA A 442 2.48 -11.80 -21.28
N ARG A 443 3.61 -11.91 -22.00
CA ARG A 443 3.66 -11.52 -23.43
C ARG A 443 2.77 -12.40 -24.33
N LEU A 444 2.71 -13.71 -24.05
CA LEU A 444 1.90 -14.67 -24.78
C LEU A 444 0.44 -14.58 -24.36
N LEU A 445 0.17 -14.24 -23.08
CA LEU A 445 -1.20 -14.07 -22.60
C LEU A 445 -1.90 -12.90 -23.32
N LEU A 446 -1.11 -11.90 -23.76
CA LEU A 446 -1.56 -10.69 -24.47
C LEU A 446 -1.83 -10.94 -25.95
N VAL A 447 -1.20 -11.97 -26.52
CA VAL A 447 -1.35 -12.30 -27.94
C VAL A 447 -2.50 -13.32 -28.17
N THR A 448 -2.94 -14.08 -27.14
CA THR A 448 -4.01 -15.08 -27.28
C THR A 448 -5.31 -14.39 -27.62
N LYS A 449 -6.02 -14.94 -28.62
CA LYS A 449 -7.27 -14.40 -29.12
C LYS A 449 -8.36 -14.84 -28.15
N TRP A 450 -8.68 -13.98 -27.14
CA TRP A 450 -9.65 -14.29 -26.07
C TRP A 450 -11.10 -14.32 -26.54
N ASN A 451 -11.32 -13.85 -27.78
CA ASN A 451 -12.63 -13.86 -28.45
C ASN A 451 -12.86 -15.15 -29.28
N LYS A 452 -11.98 -16.18 -29.13
CA LYS A 452 -12.05 -17.49 -29.80
C LYS A 452 -11.81 -18.52 -28.72
N HIS A 453 -12.88 -19.28 -28.35
CA HIS A 453 -12.87 -20.24 -27.25
C HIS A 453 -11.82 -21.37 -27.34
N GLU A 454 -11.40 -21.77 -28.55
CA GLU A 454 -10.39 -22.81 -28.78
C GLU A 454 -9.00 -22.26 -28.54
N ASP A 455 -8.75 -21.00 -28.94
CA ASP A 455 -7.49 -20.28 -28.71
C ASP A 455 -7.24 -20.10 -27.19
N VAL A 456 -8.33 -19.95 -26.39
CA VAL A 456 -8.29 -19.75 -24.93
C VAL A 456 -7.96 -21.07 -24.22
N ALA A 457 -8.70 -22.12 -24.56
CA ALA A 457 -8.51 -23.47 -24.06
C ALA A 457 -7.03 -23.90 -24.25
N GLN A 458 -6.44 -23.71 -25.47
CA GLN A 458 -5.04 -24.03 -25.78
C GLN A 458 -4.07 -23.31 -24.83
N MET A 459 -4.33 -22.01 -24.57
CA MET A 459 -3.57 -21.19 -23.65
C MET A 459 -3.70 -21.73 -22.24
N LEU A 460 -4.92 -22.12 -21.86
CA LEU A 460 -5.23 -22.63 -20.54
C LEU A 460 -4.61 -23.99 -20.28
N TYR A 461 -4.48 -24.84 -21.32
CA TYR A 461 -3.82 -26.15 -21.21
C TYR A 461 -2.35 -25.92 -20.89
N LEU A 462 -1.70 -24.98 -21.61
CA LEU A 462 -0.31 -24.57 -21.40
C LEU A 462 -0.14 -23.96 -20.00
N LEU A 463 -1.09 -23.10 -19.56
CA LEU A 463 -1.07 -22.43 -18.26
C LEU A 463 -1.16 -23.43 -17.12
N CYS A 464 -1.95 -24.48 -17.31
CA CYS A 464 -2.15 -25.50 -16.29
C CYS A 464 -0.91 -26.39 -16.10
N SER A 465 0.02 -26.39 -17.06
CA SER A 465 1.31 -27.10 -16.93
C SER A 465 2.45 -26.11 -16.73
N TRP A 466 2.16 -24.79 -16.77
CA TRP A 466 3.14 -23.70 -16.68
C TRP A 466 3.91 -23.67 -15.36
N PRO A 467 5.26 -23.63 -15.42
CA PRO A 467 6.05 -23.56 -14.18
C PRO A 467 5.77 -22.30 -13.37
N GLU A 468 5.83 -22.42 -12.02
CA GLU A 468 5.69 -21.32 -11.06
C GLU A 468 6.62 -20.17 -11.45
N LEU A 469 6.03 -18.98 -11.65
CA LEU A 469 6.72 -17.76 -12.05
C LEU A 469 7.37 -16.98 -10.86
N PRO A 470 8.42 -16.16 -11.08
CA PRO A 470 8.95 -15.38 -9.95
C PRO A 470 7.89 -14.38 -9.47
N VAL A 471 8.05 -13.88 -8.23
CA VAL A 471 7.17 -12.91 -7.59
C VAL A 471 6.97 -11.67 -8.49
N LEU A 472 8.04 -11.21 -9.14
CA LEU A 472 8.07 -10.05 -10.03
C LEU A 472 7.16 -10.22 -11.26
N SER A 473 7.21 -11.39 -11.88
CA SER A 473 6.40 -11.72 -13.03
C SER A 473 4.95 -11.89 -12.59
N ALA A 474 4.74 -12.49 -11.40
CA ALA A 474 3.41 -12.73 -10.83
C ALA A 474 2.70 -11.40 -10.49
N LEU A 475 3.47 -10.38 -10.05
CA LEU A 475 2.94 -9.04 -9.75
C LEU A 475 2.34 -8.40 -11.01
N GLU A 476 2.95 -8.65 -12.19
CA GLU A 476 2.45 -8.17 -13.48
C GLU A 476 1.10 -8.77 -13.85
N LEU A 477 0.90 -10.05 -13.52
CA LEU A 477 -0.29 -10.85 -13.82
C LEU A 477 -1.52 -10.49 -13.00
N LEU A 478 -1.33 -9.60 -11.99
CA LEU A 478 -2.41 -9.09 -11.11
C LEU A 478 -3.13 -7.91 -11.75
N ASP A 479 -2.52 -7.31 -12.79
CA ASP A 479 -3.04 -6.18 -13.57
C ASP A 479 -4.36 -6.52 -14.30
N PHE A 480 -5.11 -5.48 -14.70
CA PHE A 480 -6.39 -5.64 -15.39
C PHE A 480 -6.22 -6.15 -16.82
N SER A 481 -4.98 -6.06 -17.34
CA SER A 481 -4.54 -6.56 -18.65
C SER A 481 -4.59 -8.10 -18.71
N PHE A 482 -4.72 -8.77 -17.53
CA PHE A 482 -4.80 -10.24 -17.46
C PHE A 482 -6.04 -10.59 -16.64
N PRO A 483 -7.27 -10.33 -17.16
CA PRO A 483 -8.47 -10.54 -16.35
C PRO A 483 -8.92 -11.97 -16.10
N ASP A 484 -8.44 -12.93 -16.88
CA ASP A 484 -8.85 -14.32 -16.75
C ASP A 484 -8.63 -14.82 -15.34
N CYS A 485 -9.65 -15.48 -14.80
CA CYS A 485 -9.67 -16.06 -13.46
C CYS A 485 -8.63 -17.16 -13.30
N TYR A 486 -8.33 -17.93 -14.37
CA TYR A 486 -7.32 -18.99 -14.32
C TYR A 486 -5.93 -18.40 -14.33
N VAL A 487 -5.76 -17.25 -14.99
CA VAL A 487 -4.52 -16.47 -15.01
C VAL A 487 -4.31 -15.92 -13.59
N GLY A 488 -5.39 -15.38 -13.00
CA GLY A 488 -5.42 -14.79 -11.67
C GLY A 488 -5.09 -15.78 -10.59
N SER A 489 -5.68 -16.99 -10.68
CA SER A 489 -5.45 -18.11 -9.79
C SER A 489 -3.95 -18.53 -9.88
N PHE A 490 -3.38 -18.51 -11.10
CA PHE A 490 -1.97 -18.83 -11.36
C PHE A 490 -1.06 -17.78 -10.75
N ALA A 491 -1.48 -16.51 -10.77
CA ALA A 491 -0.71 -15.42 -10.18
C ALA A 491 -0.67 -15.58 -8.67
N ILE A 492 -1.80 -15.95 -8.05
CA ILE A 492 -1.89 -16.17 -6.60
C ILE A 492 -1.00 -17.33 -6.17
N LYS A 493 -1.08 -18.46 -6.91
CA LYS A 493 -0.30 -19.67 -6.71
C LYS A 493 1.23 -19.37 -6.73
N SER A 494 1.66 -18.32 -7.47
CA SER A 494 3.06 -17.90 -7.56
C SER A 494 3.48 -16.87 -6.46
N LEU A 495 2.51 -16.13 -5.88
CA LEU A 495 2.75 -15.18 -4.79
C LEU A 495 2.69 -15.84 -3.39
N ARG A 496 2.44 -17.16 -3.33
CA ARG A 496 2.41 -17.86 -2.05
C ARG A 496 3.80 -17.86 -1.40
N LYS A 497 4.87 -18.00 -2.21
CA LYS A 497 6.28 -18.02 -1.77
C LYS A 497 6.76 -16.67 -1.20
N LEU A 498 5.96 -15.60 -1.37
CA LEU A 498 6.18 -14.25 -0.83
C LEU A 498 6.33 -14.37 0.67
N THR A 499 7.38 -13.73 1.20
CA THR A 499 7.65 -13.69 2.64
C THR A 499 6.66 -12.70 3.23
N ASP A 500 6.51 -12.69 4.56
CA ASP A 500 5.62 -11.75 5.21
C ASP A 500 6.14 -10.33 5.07
N ASP A 501 7.46 -10.17 4.87
CA ASP A 501 8.14 -8.89 4.66
C ASP A 501 7.90 -8.37 3.26
N GLU A 502 7.96 -9.24 2.25
CA GLU A 502 7.70 -8.86 0.86
C GLU A 502 6.22 -8.53 0.68
N LEU A 503 5.33 -9.33 1.29
CA LEU A 503 3.89 -9.11 1.23
C LEU A 503 3.48 -7.77 1.83
N PHE A 504 4.09 -7.39 2.97
CA PHE A 504 3.88 -6.11 3.66
C PHE A 504 4.27 -4.91 2.79
N GLN A 505 5.33 -5.06 2.02
CA GLN A 505 5.89 -4.04 1.14
C GLN A 505 4.95 -3.73 -0.05
N TYR A 506 4.23 -4.75 -0.56
CA TYR A 506 3.28 -4.66 -1.69
C TYR A 506 1.80 -4.80 -1.29
N LEU A 507 1.50 -4.89 0.01
CA LEU A 507 0.13 -5.01 0.52
C LEU A 507 -0.83 -3.91 -0.01
N LEU A 508 -0.32 -2.66 -0.13
CA LEU A 508 -1.10 -1.51 -0.63
C LEU A 508 -1.59 -1.74 -2.05
N GLN A 509 -0.71 -2.24 -2.94
CA GLN A 509 -1.00 -2.54 -4.35
C GLN A 509 -1.95 -3.73 -4.53
N LEU A 510 -1.81 -4.78 -3.68
CA LEU A 510 -2.65 -5.99 -3.70
C LEU A 510 -4.06 -5.66 -3.31
N VAL A 511 -4.24 -4.75 -2.34
CA VAL A 511 -5.53 -4.22 -1.88
C VAL A 511 -6.17 -3.43 -3.05
N GLN A 512 -5.39 -2.60 -3.76
CA GLN A 512 -5.91 -1.82 -4.89
C GLN A 512 -6.43 -2.72 -6.01
N VAL A 513 -5.77 -3.88 -6.26
CA VAL A 513 -6.11 -4.89 -7.29
C VAL A 513 -7.52 -5.47 -7.02
N LEU A 514 -7.99 -5.45 -5.74
CA LEU A 514 -9.34 -5.88 -5.35
C LEU A 514 -10.42 -5.06 -6.06
N LYS A 515 -10.07 -3.86 -6.54
CA LYS A 515 -10.98 -2.97 -7.26
C LYS A 515 -11.21 -3.43 -8.68
N TYR A 516 -10.29 -4.26 -9.19
CA TYR A 516 -10.37 -4.87 -10.51
C TYR A 516 -11.14 -6.18 -10.48
N GLU A 517 -11.34 -6.75 -9.28
CA GLU A 517 -12.05 -8.03 -9.10
C GLU A 517 -13.48 -7.95 -9.58
N SER A 518 -13.93 -9.01 -10.23
CA SER A 518 -15.27 -9.06 -10.83
C SER A 518 -16.31 -9.64 -9.92
N TYR A 519 -15.88 -10.54 -9.01
CA TYR A 519 -16.71 -11.24 -8.05
C TYR A 519 -16.18 -11.05 -6.64
N LEU A 520 -17.04 -11.23 -5.65
CA LEU A 520 -16.67 -11.06 -4.25
C LEU A 520 -15.75 -12.18 -3.75
N ASP A 521 -16.12 -13.42 -4.12
CA ASP A 521 -15.35 -14.60 -3.78
C ASP A 521 -14.23 -14.71 -4.81
N CYS A 522 -13.01 -14.52 -4.34
CA CYS A 522 -11.86 -14.56 -5.24
C CYS A 522 -10.64 -15.06 -4.51
N GLU A 523 -9.69 -15.64 -5.26
CA GLU A 523 -8.43 -16.19 -4.78
C GLU A 523 -7.59 -15.13 -4.07
N LEU A 524 -7.64 -13.87 -4.56
CA LEU A 524 -6.90 -12.75 -3.97
C LEU A 524 -7.44 -12.39 -2.58
N THR A 525 -8.78 -12.37 -2.37
CA THR A 525 -9.39 -12.13 -1.06
C THR A 525 -8.96 -13.21 -0.11
N LYS A 526 -9.15 -14.49 -0.50
CA LYS A 526 -8.74 -15.67 0.27
C LYS A 526 -7.25 -15.60 0.64
N PHE A 527 -6.38 -15.17 -0.33
CA PHE A 527 -4.95 -15.00 -0.09
C PHE A 527 -4.67 -13.87 0.91
N LEU A 528 -5.31 -12.71 0.70
CA LEU A 528 -5.17 -11.56 1.58
C LEU A 528 -5.65 -11.84 2.99
N LEU A 529 -6.78 -12.56 3.14
CA LEU A 529 -7.35 -12.96 4.44
C LEU A 529 -6.51 -14.01 5.13
N GLY A 530 -6.12 -15.07 4.41
CA GLY A 530 -5.28 -16.13 4.94
C GLY A 530 -3.98 -15.62 5.52
N ARG A 531 -3.31 -14.71 4.78
CA ARG A 531 -2.05 -14.07 5.19
C ARG A 531 -2.24 -13.04 6.32
N ALA A 532 -3.41 -12.36 6.36
CA ALA A 532 -3.78 -11.40 7.42
C ALA A 532 -3.96 -12.13 8.75
N LEU A 533 -4.70 -13.23 8.73
CA LEU A 533 -4.98 -14.03 9.91
C LEU A 533 -3.76 -14.82 10.43
N ALA A 534 -2.73 -15.04 9.57
CA ALA A 534 -1.52 -15.75 10.01
C ALA A 534 -0.41 -14.79 10.48
N ASN A 535 -0.59 -13.47 10.29
CA ASN A 535 0.33 -12.39 10.70
C ASN A 535 -0.50 -11.16 11.15
N ARG A 536 -0.43 -10.82 12.44
CA ARG A 536 -1.21 -9.71 13.05
C ARG A 536 -0.88 -8.31 12.49
N LYS A 537 0.39 -8.10 11.99
CA LYS A 537 0.83 -6.84 11.38
C LYS A 537 0.17 -6.68 9.99
N ILE A 538 0.15 -7.75 9.17
CA ILE A 538 -0.53 -7.80 7.87
C ILE A 538 -2.04 -7.59 8.10
N GLY A 539 -2.60 -8.28 9.12
CA GLY A 539 -4.00 -8.14 9.52
C GLY A 539 -4.38 -6.69 9.81
N HIS A 540 -3.53 -6.01 10.58
CA HIS A 540 -3.62 -4.60 10.95
C HIS A 540 -3.75 -3.69 9.72
N PHE A 541 -2.76 -3.75 8.80
CA PHE A 541 -2.71 -2.91 7.60
C PHE A 541 -3.74 -3.33 6.54
N LEU A 542 -4.12 -4.61 6.49
CA LEU A 542 -5.19 -4.98 5.56
C LEU A 542 -6.45 -4.27 6.04
N PHE A 543 -6.71 -4.25 7.36
CA PHE A 543 -7.88 -3.61 7.92
C PHE A 543 -7.96 -2.12 7.59
N TRP A 544 -6.85 -1.40 7.77
CA TRP A 544 -6.83 0.04 7.60
C TRP A 544 -6.90 0.48 6.15
N HIS A 545 -6.27 -0.27 5.23
CA HIS A 545 -6.32 0.00 3.81
C HIS A 545 -7.75 -0.10 3.32
N LEU A 546 -8.50 -1.07 3.85
CA LEU A 546 -9.89 -1.32 3.51
C LEU A 546 -10.84 -0.33 4.23
N ARG A 547 -10.60 -0.08 5.52
CA ARG A 547 -11.39 0.81 6.37
C ARG A 547 -11.32 2.25 5.93
N SER A 548 -10.17 2.67 5.39
CA SER A 548 -9.95 4.02 4.88
C SER A 548 -10.79 4.34 3.63
N GLU A 549 -11.31 3.32 2.94
CA GLU A 549 -12.08 3.45 1.70
C GLU A 549 -13.58 3.11 1.85
N MET A 550 -14.11 3.08 3.09
CA MET A 550 -15.52 2.79 3.36
C MET A 550 -16.48 3.89 2.90
N HIS A 551 -15.98 5.11 2.77
CA HIS A 551 -16.72 6.28 2.30
C HIS A 551 -16.84 6.30 0.76
N VAL A 552 -16.19 5.34 0.08
CA VAL A 552 -16.20 5.19 -1.38
C VAL A 552 -17.29 4.13 -1.75
N PRO A 553 -18.48 4.56 -2.24
CA PRO A 553 -19.56 3.60 -2.51
C PRO A 553 -19.24 2.44 -3.45
N SER A 554 -18.23 2.60 -4.37
CA SER A 554 -17.90 1.53 -5.31
C SER A 554 -17.20 0.38 -4.65
N VAL A 555 -16.53 0.62 -3.51
CA VAL A 555 -15.80 -0.44 -2.79
C VAL A 555 -16.34 -0.70 -1.37
N ALA A 556 -17.35 0.06 -0.91
CA ALA A 556 -17.95 -0.10 0.42
C ALA A 556 -18.52 -1.49 0.70
N LEU A 557 -19.16 -2.15 -0.27
CA LEU A 557 -19.68 -3.51 -0.04
C LEU A 557 -18.56 -4.55 0.08
N ARG A 558 -17.63 -4.56 -0.90
CA ARG A 558 -16.52 -5.51 -0.92
C ARG A 558 -15.67 -5.42 0.33
N PHE A 559 -15.19 -4.21 0.64
CA PHE A 559 -14.25 -3.93 1.73
C PHE A 559 -14.85 -4.21 3.08
N GLY A 560 -16.11 -3.81 3.28
CA GLY A 560 -16.91 -4.10 4.47
C GLY A 560 -17.08 -5.57 4.74
N LEU A 561 -17.39 -6.38 3.68
CA LEU A 561 -17.55 -7.86 3.73
C LEU A 561 -16.24 -8.54 4.07
N ILE A 562 -15.09 -8.08 3.49
CA ILE A 562 -13.74 -8.60 3.81
C ILE A 562 -13.41 -8.33 5.28
N MET A 563 -13.61 -7.07 5.74
CA MET A 563 -13.32 -6.70 7.14
C MET A 563 -14.17 -7.47 8.15
N GLU A 564 -15.43 -7.80 7.81
CA GLU A 564 -16.29 -8.61 8.65
C GLU A 564 -15.70 -10.03 8.73
N ALA A 565 -15.35 -10.61 7.57
CA ALA A 565 -14.75 -11.94 7.53
C ALA A 565 -13.46 -11.93 8.37
N TYR A 566 -12.63 -10.86 8.28
CA TYR A 566 -11.40 -10.77 9.08
C TYR A 566 -11.67 -10.83 10.59
N CYS A 567 -12.59 -9.95 11.09
CA CYS A 567 -13.05 -9.85 12.48
C CYS A 567 -13.54 -11.18 13.06
N ARG A 568 -14.15 -12.04 12.22
CA ARG A 568 -14.63 -13.37 12.59
C ARG A 568 -13.42 -14.29 12.84
N GLY A 569 -12.32 -14.01 12.16
CA GLY A 569 -11.08 -14.74 12.29
C GLY A 569 -10.18 -14.22 13.40
N SER A 570 -10.56 -13.07 14.01
CA SER A 570 -9.83 -12.43 15.11
C SER A 570 -10.69 -11.44 15.90
N THR A 571 -11.42 -11.98 16.87
CA THR A 571 -12.32 -11.28 17.79
C THR A 571 -11.53 -10.31 18.69
N HIS A 572 -10.41 -10.74 19.28
CA HIS A 572 -9.51 -9.92 20.09
C HIS A 572 -8.92 -8.75 19.26
N HIS A 573 -8.45 -9.01 18.02
CA HIS A 573 -7.92 -7.92 17.17
C HIS A 573 -8.96 -6.89 16.84
N MET A 574 -10.18 -7.33 16.58
CA MET A 574 -11.36 -6.49 16.34
C MET A 574 -11.49 -5.42 17.43
N LYS A 575 -11.41 -5.83 18.71
CA LYS A 575 -11.51 -4.93 19.87
C LYS A 575 -10.31 -3.99 19.96
N VAL A 576 -9.11 -4.49 19.57
CA VAL A 576 -7.86 -3.73 19.58
C VAL A 576 -7.95 -2.60 18.55
N LEU A 577 -8.60 -2.87 17.39
CA LEU A 577 -8.85 -1.93 16.28
C LEU A 577 -9.93 -0.93 16.66
N MET A 578 -10.97 -1.38 17.45
CA MET A 578 -12.07 -0.56 17.97
C MET A 578 -11.53 0.53 18.87
N LYS A 579 -10.54 0.18 19.69
CA LYS A 579 -9.80 1.10 20.55
C LYS A 579 -9.14 2.24 19.68
N GLN A 580 -8.59 1.90 18.47
CA GLN A 580 -7.99 2.88 17.54
C GLN A 580 -9.03 3.82 16.86
N GLY A 581 -10.20 3.28 16.47
CA GLY A 581 -11.32 4.02 15.89
C GLY A 581 -11.92 5.01 16.88
N GLU A 582 -11.97 4.62 18.14
CA GLU A 582 -12.49 5.48 19.20
C GLU A 582 -11.55 6.68 19.40
N ALA A 583 -10.23 6.41 19.40
CA ALA A 583 -9.18 7.43 19.49
C ALA A 583 -9.21 8.35 18.28
N LEU A 584 -9.45 7.79 17.09
CA LEU A 584 -9.52 8.59 15.86
C LEU A 584 -10.76 9.43 15.78
N SER A 585 -11.88 8.93 16.32
CA SER A 585 -13.17 9.62 16.42
C SER A 585 -13.05 10.86 17.29
N LYS A 586 -12.26 10.77 18.37
CA LYS A 586 -11.98 11.87 19.30
C LYS A 586 -11.05 12.88 18.68
N LEU A 587 -10.10 12.44 17.87
CA LEU A 587 -9.20 13.37 17.19
C LEU A 587 -9.94 14.16 16.06
N LYS A 588 -10.91 13.52 15.40
CA LYS A 588 -11.72 14.20 14.38
C LYS A 588 -12.53 15.31 15.04
N ALA A 589 -13.16 15.02 16.21
CA ALA A 589 -13.98 15.97 16.99
C ALA A 589 -13.12 17.11 17.53
N LEU A 590 -11.95 16.78 18.12
CA LEU A 590 -10.93 17.72 18.63
C LEU A 590 -10.38 18.62 17.53
N ASN A 591 -10.10 18.08 16.34
CA ASN A 591 -9.54 18.84 15.23
C ASN A 591 -10.54 19.78 14.61
N ASP A 592 -11.85 19.43 14.64
CA ASP A 592 -12.94 20.25 14.14
C ASP A 592 -13.07 21.51 14.97
N PHE A 593 -12.92 21.39 16.31
CA PHE A 593 -12.93 22.54 17.23
C PHE A 593 -11.70 23.43 16.96
N VAL A 594 -10.50 22.81 16.78
CA VAL A 594 -9.23 23.50 16.53
C VAL A 594 -9.37 24.34 15.27
N LYS A 595 -9.99 23.77 14.22
CA LYS A 595 -10.26 24.47 12.96
C LYS A 595 -11.13 25.67 13.21
N VAL A 596 -12.23 25.53 13.97
CA VAL A 596 -13.15 26.62 14.31
C VAL A 596 -12.42 27.72 15.11
N SER A 597 -11.93 27.36 16.29
CA SER A 597 -11.21 28.22 17.22
C SER A 597 -10.03 29.01 16.62
N SER A 598 -9.30 28.43 15.65
CA SER A 598 -8.15 29.09 15.04
C SER A 598 -8.50 30.34 14.20
N GLN A 599 -9.74 30.42 13.73
CA GLN A 599 -10.27 31.53 12.92
C GLN A 599 -10.92 32.59 13.81
N LYS A 600 -11.07 32.28 15.12
CA LYS A 600 -11.78 33.09 16.09
C LYS A 600 -10.94 33.66 17.23
N THR A 601 -9.80 33.03 17.57
CA THR A 601 -8.97 33.50 18.67
C THR A 601 -7.45 33.24 18.42
N THR A 602 -6.59 33.63 19.39
CA THR A 602 -5.14 33.45 19.31
C THR A 602 -4.74 31.98 19.46
N LYS A 603 -3.51 31.61 18.99
CA LYS A 603 -2.99 30.25 19.11
C LYS A 603 -2.89 29.77 20.58
N PRO A 604 -2.38 30.56 21.57
CA PRO A 604 -2.35 30.04 22.95
C PRO A 604 -3.74 29.82 23.55
N GLN A 605 -4.74 30.62 23.13
CA GLN A 605 -6.13 30.44 23.59
C GLN A 605 -6.68 29.14 23.07
N THR A 606 -6.47 28.85 21.76
CA THR A 606 -6.91 27.60 21.13
C THR A 606 -6.23 26.37 21.78
N LYS A 607 -4.89 26.43 21.95
CA LYS A 607 -4.07 25.38 22.53
C LYS A 607 -4.58 25.01 23.93
N GLU A 608 -4.89 26.03 24.76
CA GLU A 608 -5.40 25.84 26.13
C GLU A 608 -6.72 25.10 26.18
N MET A 609 -7.61 25.36 25.23
CA MET A 609 -8.91 24.70 25.25
C MET A 609 -8.90 23.35 24.58
N MET A 610 -7.90 23.13 23.72
CA MET A 610 -7.64 21.85 23.07
C MET A 610 -7.20 20.93 24.22
N HIS A 611 -6.30 21.45 25.08
CA HIS A 611 -5.77 20.78 26.25
C HIS A 611 -6.87 20.50 27.22
N MET A 612 -7.71 21.52 27.52
CA MET A 612 -8.87 21.42 28.43
C MET A 612 -9.86 20.38 27.96
N CYS A 613 -10.02 20.25 26.64
CA CYS A 613 -10.90 19.26 26.01
C CYS A 613 -10.24 17.88 26.05
N MET A 614 -8.89 17.82 25.95
CA MET A 614 -8.16 16.55 25.98
C MET A 614 -8.23 15.88 27.35
N ARG A 615 -8.25 16.71 28.42
CA ARG A 615 -8.27 16.29 29.82
C ARG A 615 -9.60 15.71 30.31
N GLN A 616 -10.65 15.75 29.48
CA GLN A 616 -11.96 15.19 29.82
C GLN A 616 -11.83 13.67 29.97
N GLU A 617 -12.63 13.04 30.83
CA GLU A 617 -12.55 11.61 31.08
C GLU A 617 -12.61 10.78 29.78
N THR A 618 -13.64 11.00 28.94
CA THR A 618 -13.83 10.30 27.67
C THR A 618 -12.66 10.48 26.70
N TYR A 619 -12.06 11.69 26.64
CA TYR A 619 -10.91 11.97 25.78
C TYR A 619 -9.66 11.34 26.35
N MET A 620 -9.48 11.37 27.69
CA MET A 620 -8.34 10.76 28.40
C MET A 620 -8.34 9.25 28.26
N GLU A 621 -9.52 8.64 28.36
CA GLU A 621 -9.77 7.21 28.23
C GLU A 621 -9.50 6.78 26.80
N ALA A 622 -10.17 7.43 25.82
CA ALA A 622 -10.05 7.11 24.39
C ALA A 622 -8.69 7.39 23.78
N LEU A 623 -8.01 8.45 24.21
CA LEU A 623 -6.74 8.78 23.55
C LEU A 623 -5.56 8.04 24.12
N SER A 624 -5.76 7.31 25.23
CA SER A 624 -4.70 6.57 25.91
C SER A 624 -4.81 5.05 25.82
N HIS A 625 -3.67 4.37 25.88
CA HIS A 625 -3.48 2.91 25.95
C HIS A 625 -4.05 2.20 24.72
N LEU A 626 -3.39 2.43 23.58
CA LEU A 626 -3.77 1.85 22.29
C LEU A 626 -2.52 1.48 21.50
N GLN A 627 -2.68 0.64 20.47
CA GLN A 627 -1.62 0.31 19.52
C GLN A 627 -1.65 1.37 18.44
N SER A 628 -0.48 1.85 18.05
CA SER A 628 -0.43 2.87 17.03
C SER A 628 -0.96 2.33 15.72
N PRO A 629 -1.96 2.99 15.08
CA PRO A 629 -2.40 2.51 13.77
C PRO A 629 -1.29 2.61 12.71
N LEU A 630 -0.20 3.36 12.99
CA LEU A 630 0.94 3.51 12.07
C LEU A 630 1.90 2.34 12.14
N ASP A 631 1.97 1.71 13.31
CA ASP A 631 2.79 0.55 13.57
C ASP A 631 2.18 -0.11 14.77
N PRO A 632 1.53 -1.29 14.62
CA PRO A 632 0.91 -1.95 15.79
C PRO A 632 1.88 -2.35 16.92
N SER A 633 3.19 -2.33 16.65
CA SER A 633 4.19 -2.63 17.67
C SER A 633 4.52 -1.38 18.54
N THR A 634 4.05 -0.17 18.13
CA THR A 634 4.22 1.05 18.95
C THR A 634 3.00 1.16 19.88
N LEU A 635 3.25 1.21 21.19
CA LEU A 635 2.21 1.32 22.19
C LEU A 635 2.05 2.75 22.63
N LEU A 636 0.94 3.36 22.24
CA LEU A 636 0.62 4.73 22.58
C LEU A 636 -0.06 4.67 23.95
N GLU A 637 0.75 4.92 25.01
CA GLU A 637 0.26 4.80 26.39
C GLU A 637 -0.43 6.06 26.92
N GLU A 638 0.29 6.88 27.70
CA GLU A 638 -0.28 8.09 28.28
C GLU A 638 -0.03 9.25 27.41
N VAL A 639 -1.11 9.96 27.09
CA VAL A 639 -1.07 11.14 26.25
C VAL A 639 -0.49 12.34 27.06
N CYS A 640 0.52 13.00 26.48
CA CYS A 640 1.24 14.14 27.05
CA CYS A 640 1.19 14.15 27.08
C CYS A 640 0.51 15.44 26.62
N VAL A 641 -0.70 15.69 27.18
CA VAL A 641 -1.60 16.82 26.90
C VAL A 641 -0.86 18.17 26.74
N GLU A 642 0.13 18.45 27.64
CA GLU A 642 0.92 19.68 27.67
C GLU A 642 1.82 19.82 26.46
N GLN A 643 2.25 18.67 25.91
CA GLN A 643 3.10 18.63 24.73
C GLN A 643 2.31 18.54 23.43
N CYS A 644 0.96 18.42 23.53
CA CYS A 644 0.08 18.38 22.38
C CYS A 644 -0.17 19.79 21.85
N THR A 645 -0.28 19.91 20.52
CA THR A 645 -0.53 21.18 19.85
C THR A 645 -1.10 20.94 18.45
N PHE A 646 -1.02 21.95 17.58
CA PHE A 646 -1.51 21.88 16.23
C PHE A 646 -0.64 22.72 15.35
N MET A 647 -0.54 22.35 14.07
CA MET A 647 0.30 23.10 13.15
C MET A 647 -0.50 24.18 12.47
N ASP A 648 0.18 25.22 11.96
CA ASP A 648 -0.49 26.37 11.36
C ASP A 648 -0.94 26.17 9.93
N SER A 649 -0.51 25.06 9.28
CA SER A 649 -0.90 24.76 7.89
C SER A 649 -2.43 24.70 7.69
N LYS A 650 -2.86 24.84 6.43
CA LYS A 650 -4.25 24.86 5.97
C LYS A 650 -5.24 24.08 6.86
N MET A 651 -5.00 22.78 7.12
CA MET A 651 -5.97 21.96 7.83
C MET A 651 -5.83 21.91 9.36
N LYS A 652 -4.98 22.78 9.94
CA LYS A 652 -4.68 22.87 11.36
C LYS A 652 -4.40 21.45 11.94
N PRO A 653 -3.45 20.67 11.35
CA PRO A 653 -3.20 19.29 11.84
C PRO A 653 -2.87 19.21 13.31
N LEU A 654 -3.35 18.16 14.02
CA LEU A 654 -3.07 17.96 15.45
C LEU A 654 -1.76 17.24 15.68
N TRP A 655 -0.94 17.76 16.61
CA TRP A 655 0.36 17.23 17.04
C TRP A 655 0.09 16.57 18.40
N ILE A 656 0.04 15.24 18.46
CA ILE A 656 -0.26 14.50 19.69
C ILE A 656 0.93 13.73 20.17
N MET A 657 1.40 14.04 21.39
CA MET A 657 2.56 13.41 22.01
C MET A 657 2.14 12.40 23.05
N TYR A 658 2.92 11.32 23.19
CA TYR A 658 2.66 10.26 24.14
C TYR A 658 3.90 9.93 24.89
N SER A 659 3.73 9.23 26.02
CA SER A 659 4.85 8.74 26.79
C SER A 659 4.49 7.43 27.45
N SER A 660 5.53 6.64 27.78
CA SER A 660 5.47 5.34 28.42
C SER A 660 6.63 5.23 29.41
N GLU A 661 6.32 4.89 30.67
CA GLU A 661 7.28 4.71 31.77
C GLU A 661 8.07 3.42 31.47
N GLU A 662 7.33 2.36 31.09
CA GLU A 662 7.84 1.05 30.77
C GLU A 662 8.73 1.01 29.57
N ALA A 663 8.48 1.87 28.56
CA ALA A 663 9.25 1.91 27.32
C ALA A 663 10.41 2.88 27.34
N GLY A 664 10.38 3.82 28.29
CA GLY A 664 11.39 4.87 28.38
C GLY A 664 11.30 5.79 27.18
N SER A 665 12.46 6.07 26.55
CA SER A 665 12.57 6.92 25.35
C SER A 665 11.88 6.37 24.10
N ALA A 666 11.68 5.03 24.02
CA ALA A 666 11.01 4.37 22.89
C ALA A 666 9.50 4.61 22.95
N GLY A 667 9.01 5.05 24.11
CA GLY A 667 7.61 5.35 24.38
C GLY A 667 7.29 6.83 24.23
N ASN A 668 8.34 7.67 23.99
CA ASN A 668 8.16 9.10 23.75
C ASN A 668 8.01 9.19 22.25
N VAL A 669 6.75 9.09 21.82
CA VAL A 669 6.33 8.98 20.43
C VAL A 669 5.27 9.98 20.09
N GLY A 670 5.30 10.48 18.88
CA GLY A 670 4.29 11.44 18.45
C GLY A 670 3.53 11.06 17.20
N ILE A 671 2.27 11.52 17.12
CA ILE A 671 1.43 11.35 15.92
C ILE A 671 0.88 12.69 15.49
N ILE A 672 0.72 12.86 14.18
CA ILE A 672 0.12 14.02 13.53
C ILE A 672 -1.21 13.55 12.94
N PHE A 673 -2.34 14.06 13.45
CA PHE A 673 -3.66 13.75 12.93
C PHE A 673 -4.02 14.85 11.95
N LYS A 674 -4.15 14.49 10.68
CA LYS A 674 -4.49 15.44 9.64
C LYS A 674 -5.85 15.08 9.07
N ASN A 675 -6.70 16.09 8.92
CA ASN A 675 -8.05 15.91 8.42
C ASN A 675 -8.40 17.00 7.39
N GLY A 676 -8.83 16.58 6.20
CA GLY A 676 -9.23 17.49 5.13
C GLY A 676 -8.53 17.33 3.80
N ASP A 677 -7.39 16.61 3.82
CA ASP A 677 -6.55 16.28 2.66
C ASP A 677 -6.55 14.77 2.39
N ASP A 678 -6.28 14.38 1.14
CA ASP A 678 -6.19 12.99 0.73
C ASP A 678 -4.72 12.56 0.89
N LEU A 679 -4.43 11.65 1.85
CA LEU A 679 -3.08 11.18 2.16
C LEU A 679 -2.65 9.90 1.44
N ARG A 680 -3.46 9.42 0.48
CA ARG A 680 -3.18 8.20 -0.30
C ARG A 680 -1.88 8.26 -1.14
N GLN A 681 -1.60 9.43 -1.74
CA GLN A 681 -0.44 9.68 -2.57
C GLN A 681 0.81 9.78 -1.69
N ASP A 682 0.72 10.52 -0.57
CA ASP A 682 1.80 10.73 0.40
C ASP A 682 2.31 9.39 0.90
N MET A 683 1.36 8.49 1.17
CA MET A 683 1.64 7.14 1.64
C MET A 683 2.38 6.36 0.55
N LEU A 684 1.87 6.40 -0.69
CA LEU A 684 2.48 5.72 -1.84
C LEU A 684 3.91 6.19 -1.99
N THR A 685 4.10 7.52 -1.98
CA THR A 685 5.40 8.18 -2.09
C THR A 685 6.33 7.76 -0.97
N LEU A 686 5.84 7.70 0.27
CA LEU A 686 6.67 7.28 1.40
C LEU A 686 7.01 5.81 1.36
N GLN A 687 6.09 4.99 0.83
CA GLN A 687 6.25 3.55 0.63
C GLN A 687 7.27 3.25 -0.49
N MET A 688 7.27 4.07 -1.55
CA MET A 688 8.22 3.98 -2.67
C MET A 688 9.65 4.31 -2.20
N ILE A 689 9.80 5.32 -1.34
CA ILE A 689 11.08 5.71 -0.71
C ILE A 689 11.54 4.58 0.22
N GLN A 690 10.62 4.04 1.05
CA GLN A 690 10.88 2.91 1.98
C GLN A 690 11.46 1.72 1.19
N LEU A 691 10.83 1.42 0.03
CA LEU A 691 11.27 0.39 -0.91
C LEU A 691 12.68 0.72 -1.41
N MET A 692 12.90 1.97 -1.92
CA MET A 692 14.22 2.42 -2.39
C MET A 692 15.28 2.18 -1.32
N ASP A 693 14.99 2.51 -0.07
CA ASP A 693 15.88 2.29 1.07
C ASP A 693 16.19 0.78 1.24
N VAL A 694 15.18 -0.09 1.12
CA VAL A 694 15.27 -1.55 1.26
C VAL A 694 16.21 -2.11 0.18
N LEU A 695 15.99 -1.67 -1.08
CA LEU A 695 16.78 -2.05 -2.24
C LEU A 695 18.24 -1.63 -2.12
N TRP A 696 18.50 -0.42 -1.59
CA TRP A 696 19.85 0.11 -1.37
C TRP A 696 20.55 -0.67 -0.28
N LYS A 697 19.82 -0.98 0.82
CA LYS A 697 20.30 -1.78 1.95
C LYS A 697 20.64 -3.20 1.53
N GLN A 698 19.91 -3.78 0.54
CA GLN A 698 20.15 -5.11 -0.01
C GLN A 698 21.52 -5.12 -0.70
N GLU A 699 21.87 -4.01 -1.38
CA GLU A 699 23.14 -3.85 -2.08
C GLU A 699 24.24 -3.24 -1.20
N GLY A 700 24.08 -3.33 0.12
CA GLY A 700 25.05 -2.84 1.11
C GLY A 700 25.29 -1.34 1.08
N LEU A 701 24.19 -0.57 0.95
CA LEU A 701 24.19 0.89 0.95
C LEU A 701 23.09 1.39 1.91
N ASP A 702 23.48 2.17 2.91
CA ASP A 702 22.56 2.77 3.87
C ASP A 702 22.64 4.28 3.70
N LEU A 703 21.75 4.83 2.84
CA LEU A 703 21.73 6.26 2.57
C LEU A 703 20.95 7.04 3.61
N ARG A 704 20.92 6.55 4.87
CA ARG A 704 20.31 7.15 6.08
C ARG A 704 18.92 7.82 5.85
N MET A 705 18.00 7.09 5.23
CA MET A 705 16.64 7.51 4.87
C MET A 705 15.66 7.55 6.07
N THR A 706 14.64 8.45 6.05
CA THR A 706 13.65 8.57 7.15
C THR A 706 12.23 8.19 6.65
N PRO A 707 11.93 6.92 6.32
CA PRO A 707 10.62 6.60 5.75
C PRO A 707 9.57 6.49 6.84
N TYR A 708 9.10 7.65 7.31
CA TYR A 708 8.12 7.76 8.39
C TYR A 708 6.72 7.32 7.95
N GLY A 709 5.94 6.86 8.91
CA GLY A 709 4.58 6.41 8.67
C GLY A 709 3.62 7.46 8.16
N CYS A 710 2.69 7.01 7.35
CA CYS A 710 1.62 7.80 6.81
C CYS A 710 0.54 6.83 6.51
N LEU A 711 -0.55 6.90 7.26
CA LEU A 711 -1.63 5.98 7.10
C LEU A 711 -2.96 6.67 6.96
N PRO A 712 -3.61 6.55 5.78
CA PRO A 712 -4.99 7.05 5.63
C PRO A 712 -5.87 6.17 6.50
N THR A 713 -6.78 6.77 7.30
CA THR A 713 -7.67 6.03 8.19
C THR A 713 -9.12 6.14 7.77
N GLY A 714 -9.48 7.28 7.17
CA GLY A 714 -10.83 7.54 6.74
C GLY A 714 -10.92 8.47 5.56
N ASP A 715 -12.10 9.14 5.43
CA ASP A 715 -12.40 10.08 4.36
C ASP A 715 -11.54 11.28 4.58
N ARG A 716 -10.53 11.48 3.69
CA ARG A 716 -9.59 12.60 3.74
C ARG A 716 -9.04 12.79 5.19
N THR A 717 -8.84 11.66 5.87
CA THR A 717 -8.37 11.56 7.24
C THR A 717 -7.19 10.55 7.30
N GLY A 718 -6.22 10.87 8.13
CA GLY A 718 -5.07 10.02 8.31
C GLY A 718 -4.14 10.45 9.41
N LEU A 719 -3.09 9.65 9.58
CA LEU A 719 -2.06 9.84 10.59
C LEU A 719 -0.71 9.88 9.90
N ILE A 720 0.19 10.73 10.43
CA ILE A 720 1.59 10.88 10.01
C ILE A 720 2.44 10.65 11.28
N GLU A 721 3.54 9.91 11.13
CA GLU A 721 4.46 9.65 12.23
C GLU A 721 5.29 10.87 12.48
N VAL A 722 5.44 11.27 13.75
CA VAL A 722 6.29 12.38 14.14
C VAL A 722 7.73 11.88 14.14
N VAL A 723 8.61 12.53 13.37
CA VAL A 723 10.02 12.24 13.39
C VAL A 723 10.56 13.26 14.39
N LEU A 724 10.81 12.80 15.62
CA LEU A 724 11.27 13.63 16.73
C LEU A 724 12.69 14.15 16.54
N HIS A 725 13.04 15.23 17.24
CA HIS A 725 14.37 15.87 17.23
C HIS A 725 14.79 16.25 15.82
N SER A 726 13.85 16.88 15.11
CA SER A 726 13.99 17.37 13.76
C SER A 726 13.27 18.73 13.64
N ASP A 727 13.66 19.50 12.62
CA ASP A 727 13.11 20.80 12.32
C ASP A 727 13.27 21.08 10.84
N THR A 728 12.46 22.01 10.30
CA THR A 728 12.46 22.38 8.87
C THR A 728 13.69 23.19 8.52
N ILE A 729 14.05 23.25 7.24
CA ILE A 729 15.18 24.07 6.79
C ILE A 729 14.86 25.54 7.09
N ALA A 730 13.58 25.95 6.82
CA ALA A 730 13.09 27.30 7.07
C ALA A 730 13.19 27.73 8.51
N ASN A 731 12.96 26.80 9.46
CA ASN A 731 13.02 27.12 10.88
C ASN A 731 14.44 27.31 11.37
N ILE A 732 15.39 26.54 10.82
CA ILE A 732 16.81 26.59 11.13
C ILE A 732 17.39 27.85 10.47
N GLN A 733 17.04 28.07 9.18
CA GLN A 733 17.48 29.18 8.34
C GLN A 733 16.81 30.50 8.69
N LEU A 734 15.65 30.49 9.40
CA LEU A 734 14.92 31.68 9.87
C LEU A 734 15.86 32.57 10.68
N ASN A 735 17.00 31.98 11.12
CA ASN A 735 18.12 32.57 11.85
C ASN A 735 17.68 33.34 13.11
N LYS A 736 16.80 32.73 13.93
CA LYS A 736 16.32 33.36 15.16
C LYS A 736 17.46 33.62 16.13
N SER A 737 17.50 34.83 16.71
CA SER A 737 18.49 35.32 17.66
C SER A 737 18.36 34.62 19.04
N ASN A 738 19.39 34.78 19.92
CA ASN A 738 19.47 34.21 21.28
C ASN A 738 19.90 32.73 21.31
N MET A 739 19.61 31.97 20.22
CA MET A 739 19.95 30.55 20.04
C MET A 739 21.44 30.39 19.70
N ALA A 740 21.98 29.16 19.83
CA ALA A 740 23.39 28.84 19.54
C ALA A 740 23.71 28.67 18.03
N ALA A 741 22.66 28.49 17.20
CA ALA A 741 22.74 28.29 15.75
C ALA A 741 22.83 29.59 14.88
N THR A 742 23.09 30.76 15.53
CA THR A 742 23.19 32.10 14.95
C THR A 742 24.39 32.17 13.94
N ALA A 743 24.05 32.44 12.65
CA ALA A 743 24.99 32.51 11.53
C ALA A 743 25.13 33.93 10.95
N ALA A 744 26.35 34.26 10.49
CA ALA A 744 26.69 35.55 9.88
C ALA A 744 26.13 35.58 8.47
N PHE A 745 26.17 34.43 7.79
CA PHE A 745 25.67 34.19 6.43
C PHE A 745 24.72 33.01 6.47
N ASN A 746 23.59 33.11 5.72
CA ASN A 746 22.56 32.09 5.55
C ASN A 746 23.13 30.68 5.29
N LYS A 747 24.08 30.55 4.31
CA LYS A 747 24.77 29.31 3.92
C LYS A 747 25.33 28.48 5.10
N ASP A 748 25.63 29.17 6.22
CA ASP A 748 26.20 28.61 7.44
C ASP A 748 25.16 28.18 8.47
N ALA A 749 23.89 28.63 8.33
CA ALA A 749 22.81 28.32 9.29
C ALA A 749 22.65 26.82 9.59
N LEU A 750 22.63 25.94 8.55
CA LEU A 750 22.50 24.48 8.68
C LEU A 750 23.68 23.87 9.43
N LEU A 751 24.92 24.21 8.99
CA LEU A 751 26.15 23.73 9.60
C LEU A 751 26.31 24.25 11.03
N ASN A 752 25.82 25.48 11.34
CA ASN A 752 25.90 26.02 12.70
C ASN A 752 24.97 25.26 13.65
N TRP A 753 23.77 24.92 13.15
CA TRP A 753 22.73 24.17 13.86
C TRP A 753 23.23 22.74 14.16
N LEU A 754 23.91 22.09 13.20
CA LEU A 754 24.47 20.75 13.37
C LEU A 754 25.61 20.73 14.35
N LYS A 755 26.42 21.81 14.39
CA LYS A 755 27.56 22.01 15.31
C LYS A 755 27.10 22.05 16.75
N SER A 756 25.92 22.64 17.02
CA SER A 756 25.34 22.76 18.36
C SER A 756 24.68 21.45 18.83
N LYS A 757 24.03 20.71 17.91
CA LYS A 757 23.38 19.43 18.19
C LYS A 757 24.39 18.28 18.28
N ASN A 758 25.46 18.33 17.44
CA ASN A 758 26.56 17.35 17.41
C ASN A 758 27.89 18.07 17.67
N PRO A 759 28.27 18.40 18.93
CA PRO A 759 29.54 19.11 19.15
C PRO A 759 30.76 18.19 19.23
N GLY A 760 31.91 18.75 18.83
CA GLY A 760 33.21 18.08 18.86
C GLY A 760 33.42 16.99 17.83
N GLU A 761 33.63 15.76 18.31
CA GLU A 761 33.85 14.57 17.48
C GLU A 761 32.55 14.10 16.80
N ALA A 762 31.39 14.51 17.33
CA ALA A 762 30.07 14.15 16.85
C ALA A 762 29.66 14.84 15.54
N LEU A 763 30.27 16.02 15.22
CA LEU A 763 29.95 16.80 14.01
C LEU A 763 30.25 16.05 12.72
N ASP A 764 31.45 15.49 12.60
CA ASP A 764 31.90 14.74 11.42
C ASP A 764 30.94 13.60 11.04
N ARG A 765 30.26 13.03 12.05
CA ARG A 765 29.28 11.96 11.89
C ARG A 765 27.96 12.51 11.30
N ALA A 766 27.51 13.67 11.81
CA ALA A 766 26.31 14.38 11.35
C ALA A 766 26.36 14.77 9.84
N ILE A 767 27.55 15.27 9.39
CA ILE A 767 27.87 15.69 8.04
C ILE A 767 27.79 14.49 7.11
N GLU A 768 28.26 13.32 7.58
CA GLU A 768 28.21 12.09 6.78
C GLU A 768 26.75 11.60 6.67
N GLU A 769 25.96 11.74 7.75
CA GLU A 769 24.53 11.38 7.76
C GLU A 769 23.79 12.30 6.79
N PHE A 770 24.17 13.61 6.79
CA PHE A 770 23.58 14.64 5.94
C PHE A 770 23.80 14.32 4.50
N THR A 771 25.04 13.96 4.14
CA THR A 771 25.51 13.66 2.77
C THR A 771 24.80 12.45 2.22
N LEU A 772 24.72 11.38 3.03
CA LEU A 772 24.08 10.09 2.71
C LEU A 772 22.60 10.25 2.50
N SER A 773 21.91 10.92 3.43
CA SER A 773 20.47 11.21 3.37
C SER A 773 20.15 12.17 2.23
N CYS A 774 21.03 13.15 2.00
CA CYS A 774 20.86 14.13 0.91
C CYS A 774 20.89 13.48 -0.47
N ALA A 775 21.83 12.53 -0.69
CA ALA A 775 22.03 11.78 -1.93
C ALA A 775 20.84 10.88 -2.29
N GLY A 776 20.27 10.21 -1.28
CA GLY A 776 19.11 9.33 -1.40
C GLY A 776 17.87 10.11 -1.75
N TYR A 777 17.64 11.24 -1.05
CA TYR A 777 16.48 12.08 -1.38
C TYR A 777 16.65 12.80 -2.72
N CYS A 778 17.90 13.09 -3.13
CA CYS A 778 18.16 13.70 -4.44
C CYS A 778 17.67 12.78 -5.56
N VAL A 779 18.04 11.48 -5.49
CA VAL A 779 17.67 10.43 -6.45
C VAL A 779 16.17 10.11 -6.35
N ALA A 780 15.67 9.86 -5.12
CA ALA A 780 14.26 9.54 -4.84
C ALA A 780 13.33 10.61 -5.37
N THR A 781 13.59 11.89 -5.03
CA THR A 781 12.71 12.97 -5.53
C THR A 781 12.81 13.08 -7.06
N TYR A 782 14.00 12.87 -7.65
CA TYR A 782 14.19 12.92 -9.11
C TYR A 782 13.46 11.78 -9.85
N VAL A 783 13.62 10.51 -9.39
CA VAL A 783 13.00 9.29 -9.93
C VAL A 783 11.46 9.42 -9.80
N LEU A 784 10.98 9.71 -8.57
CA LEU A 784 9.55 9.87 -8.28
C LEU A 784 8.95 11.17 -8.80
N GLY A 785 9.79 12.10 -9.22
CA GLY A 785 9.34 13.38 -9.78
C GLY A 785 8.60 14.24 -8.79
N ILE A 786 9.23 14.51 -7.64
CA ILE A 786 8.60 15.29 -6.58
C ILE A 786 8.93 16.78 -6.78
N GLY A 787 7.88 17.57 -6.96
CA GLY A 787 7.95 19.00 -7.20
C GLY A 787 7.47 19.85 -6.04
N ASP A 788 7.60 21.20 -6.21
CA ASP A 788 7.27 22.25 -5.23
C ASP A 788 8.05 21.99 -3.95
N ARG A 789 9.38 22.01 -4.09
CA ARG A 789 10.36 21.75 -3.04
C ARG A 789 10.99 23.04 -2.52
N HIS A 790 10.58 23.44 -1.32
CA HIS A 790 11.09 24.62 -0.61
C HIS A 790 11.56 24.26 0.81
N SER A 791 12.09 25.25 1.56
CA SER A 791 12.64 25.08 2.91
C SER A 791 11.61 24.70 4.00
N ASP A 792 10.31 24.79 3.69
CA ASP A 792 9.21 24.46 4.61
C ASP A 792 8.84 22.98 4.56
N ASN A 793 9.09 22.31 3.42
CA ASN A 793 8.79 20.89 3.26
C ASN A 793 10.06 19.99 3.25
N ILE A 794 11.21 20.56 3.66
CA ILE A 794 12.46 19.81 3.81
C ILE A 794 12.87 19.90 5.30
N MET A 795 13.14 18.75 5.93
CA MET A 795 13.49 18.66 7.36
C MET A 795 14.89 18.06 7.59
N ILE A 796 15.43 18.23 8.81
CA ILE A 796 16.74 17.70 9.21
C ILE A 796 16.57 17.16 10.62
N ARG A 797 17.17 15.99 10.91
CA ARG A 797 17.17 15.42 12.26
C ARG A 797 18.39 16.00 12.94
N GLU A 798 18.40 16.01 14.28
CA GLU A 798 19.55 16.52 15.04
C GLU A 798 20.82 15.67 14.81
N SER A 799 20.67 14.51 14.15
CA SER A 799 21.71 13.54 13.82
C SER A 799 22.38 13.91 12.47
N GLY A 800 21.78 14.88 11.78
CA GLY A 800 22.23 15.43 10.52
C GLY A 800 21.44 14.97 9.32
N GLN A 801 20.62 13.93 9.52
CA GLN A 801 19.81 13.32 8.47
C GLN A 801 18.70 14.22 7.93
N LEU A 802 18.76 14.48 6.62
CA LEU A 802 17.82 15.26 5.87
C LEU A 802 16.69 14.33 5.37
N PHE A 803 15.45 14.85 5.32
CA PHE A 803 14.30 14.13 4.77
C PHE A 803 13.28 15.09 4.28
N HIS A 804 12.42 14.64 3.35
CA HIS A 804 11.31 15.42 2.79
C HIS A 804 9.99 15.04 3.44
N ILE A 805 9.10 16.04 3.57
CA ILE A 805 7.75 15.91 4.11
C ILE A 805 6.76 16.45 3.10
N ASP A 806 5.46 16.27 3.39
CA ASP A 806 4.31 16.77 2.65
C ASP A 806 4.43 16.53 1.13
N PHE A 807 4.21 15.27 0.72
CA PHE A 807 4.29 14.87 -0.68
C PHE A 807 2.91 14.96 -1.31
N GLY A 808 2.49 16.20 -1.59
CA GLY A 808 1.20 16.44 -2.22
C GLY A 808 1.22 16.11 -3.69
N HIS A 809 2.40 16.28 -4.32
CA HIS A 809 2.57 16.07 -5.75
C HIS A 809 3.76 15.16 -6.11
N PHE A 810 3.60 14.36 -7.16
CA PHE A 810 4.62 13.45 -7.67
C PHE A 810 4.49 13.24 -9.20
N LEU A 811 5.49 12.56 -9.80
CA LEU A 811 5.61 12.27 -11.24
C LEU A 811 5.62 13.54 -12.11
N GLY A 812 6.27 14.59 -11.61
CA GLY A 812 6.41 15.87 -12.28
C GLY A 812 5.11 16.64 -12.44
N ASN A 813 3.96 16.03 -12.03
CA ASN A 813 2.62 16.60 -12.11
C ASN A 813 2.45 17.71 -11.08
N PHE A 814 2.34 18.97 -11.58
CA PHE A 814 2.20 20.21 -10.83
C PHE A 814 0.90 20.32 -10.03
N ARG A 824 7.88 17.51 -15.78
CA ARG A 824 9.22 17.00 -16.06
C ARG A 824 10.26 17.80 -15.25
N VAL A 825 10.26 17.57 -13.92
CA VAL A 825 11.14 18.26 -12.97
C VAL A 825 12.63 17.80 -13.11
N PRO A 826 13.61 18.73 -12.91
CA PRO A 826 15.02 18.31 -12.99
C PRO A 826 15.48 17.72 -11.65
N PHE A 827 16.78 17.39 -11.58
CA PHE A 827 17.43 16.95 -10.37
C PHE A 827 17.58 18.25 -9.52
N ILE A 828 17.41 18.19 -8.18
CA ILE A 828 17.54 19.40 -7.36
C ILE A 828 18.77 19.34 -6.47
N LEU A 829 19.53 20.47 -6.40
CA LEU A 829 20.72 20.66 -5.58
C LEU A 829 20.75 22.08 -5.04
N THR A 830 21.13 22.25 -3.76
CA THR A 830 21.16 23.54 -3.07
C THR A 830 22.58 23.85 -2.55
N TYR A 831 23.03 25.12 -2.69
CA TYR A 831 24.36 25.59 -2.26
C TYR A 831 24.61 25.37 -0.77
N ASP A 832 23.59 25.66 0.08
CA ASP A 832 23.65 25.51 1.55
C ASP A 832 23.81 24.02 1.93
N PHE A 833 23.22 23.11 1.14
CA PHE A 833 23.33 21.66 1.34
C PHE A 833 24.71 21.21 0.85
N VAL A 834 25.11 21.67 -0.37
CA VAL A 834 26.44 21.46 -0.99
C VAL A 834 27.57 21.96 -0.06
N HIS A 835 27.28 23.01 0.73
CA HIS A 835 28.15 23.64 1.72
C HIS A 835 28.38 22.66 2.88
N VAL A 836 27.29 22.02 3.39
CA VAL A 836 27.35 21.05 4.49
C VAL A 836 28.14 19.81 4.01
N ILE A 837 27.89 19.34 2.77
CA ILE A 837 28.60 18.20 2.15
C ILE A 837 30.11 18.52 2.04
N GLN A 838 30.45 19.72 1.58
CA GLN A 838 31.85 20.15 1.42
C GLN A 838 32.50 20.60 2.74
N GLN A 839 31.94 20.18 3.91
CA GLN A 839 32.38 20.43 5.30
C GLN A 839 32.35 21.91 5.76
N GLY A 840 31.77 22.78 4.96
CA GLY A 840 31.68 24.20 5.26
C GLY A 840 32.76 24.99 4.57
N LYS A 841 33.36 24.39 3.53
CA LYS A 841 34.44 24.95 2.72
C LYS A 841 33.91 25.25 1.31
N THR A 842 34.35 26.39 0.74
CA THR A 842 33.96 26.85 -0.60
C THR A 842 34.36 25.85 -1.69
N ASN A 843 35.59 25.25 -1.55
CA ASN A 843 36.16 24.24 -2.44
C ASN A 843 36.63 23.00 -1.64
N ASN A 844 35.99 21.84 -1.92
CA ASN A 844 36.23 20.52 -1.30
C ASN A 844 35.66 19.47 -2.28
N SER A 845 36.39 19.25 -3.40
CA SER A 845 35.97 18.33 -4.47
C SER A 845 35.99 16.85 -4.06
N GLU A 846 36.89 16.45 -3.14
CA GLU A 846 36.96 15.07 -2.65
C GLU A 846 35.65 14.68 -1.94
N LYS A 847 35.03 15.64 -1.23
CA LYS A 847 33.77 15.40 -0.53
C LYS A 847 32.57 15.42 -1.48
N PHE A 848 32.57 16.34 -2.46
CA PHE A 848 31.50 16.46 -3.45
C PHE A 848 31.53 15.32 -4.47
N GLU A 849 32.73 14.78 -4.79
CA GLU A 849 32.91 13.67 -5.75
C GLU A 849 32.53 12.35 -5.15
N ARG A 850 32.58 12.23 -3.82
CA ARG A 850 32.14 11.06 -3.05
C ARG A 850 30.61 11.09 -3.15
N PHE A 851 30.02 12.28 -2.82
CA PHE A 851 28.59 12.57 -2.89
C PHE A 851 27.99 12.27 -4.25
N ARG A 852 28.66 12.72 -5.32
CA ARG A 852 28.22 12.50 -6.70
C ARG A 852 28.12 11.00 -6.99
N GLY A 853 29.04 10.22 -6.43
CA GLY A 853 29.11 8.77 -6.59
C GLY A 853 27.98 8.04 -5.89
N TYR A 854 27.54 8.56 -4.72
CA TYR A 854 26.41 8.05 -3.94
C TYR A 854 25.15 8.16 -4.80
N CYS A 855 24.95 9.35 -5.42
CA CYS A 855 23.85 9.67 -6.32
C CYS A 855 23.81 8.77 -7.56
N GLU A 856 25.00 8.44 -8.11
CA GLU A 856 25.11 7.56 -9.28
C GLU A 856 24.78 6.11 -8.94
N ARG A 857 25.32 5.61 -7.81
CA ARG A 857 25.15 4.26 -7.31
C ARG A 857 23.68 3.99 -7.00
N ALA A 858 23.08 4.80 -6.09
CA ALA A 858 21.68 4.79 -5.68
C ALA A 858 20.79 4.70 -6.89
N TYR A 859 21.07 5.54 -7.93
CA TYR A 859 20.34 5.59 -9.21
C TYR A 859 20.47 4.30 -10.02
N THR A 860 21.72 3.80 -10.22
CA THR A 860 22.01 2.60 -10.99
C THR A 860 21.41 1.35 -10.36
N ILE A 861 21.34 1.29 -9.00
CA ILE A 861 20.72 0.19 -8.23
C ILE A 861 19.20 0.17 -8.53
N LEU A 862 18.51 1.34 -8.38
CA LEU A 862 17.06 1.47 -8.60
C LEU A 862 16.68 1.10 -10.03
N ARG A 863 17.56 1.41 -11.00
CA ARG A 863 17.40 1.12 -12.44
C ARG A 863 17.28 -0.38 -12.74
N ARG A 864 17.98 -1.22 -11.95
CA ARG A 864 17.96 -2.69 -12.06
C ARG A 864 16.61 -3.22 -11.60
N HIS A 865 15.99 -2.48 -10.67
CA HIS A 865 14.70 -2.77 -10.09
C HIS A 865 13.59 -1.93 -10.73
N GLY A 866 13.93 -1.24 -11.81
CA GLY A 866 13.00 -0.38 -12.57
C GLY A 866 11.68 -1.03 -12.91
N LEU A 867 11.70 -2.35 -13.22
CA LEU A 867 10.50 -3.14 -13.54
C LEU A 867 9.58 -3.34 -12.33
N LEU A 868 10.16 -3.43 -11.11
CA LEU A 868 9.41 -3.54 -9.87
C LEU A 868 8.59 -2.25 -9.66
N PHE A 869 9.24 -1.09 -9.86
CA PHE A 869 8.57 0.20 -9.75
C PHE A 869 7.46 0.32 -10.80
N LEU A 870 7.74 -0.13 -12.04
CA LEU A 870 6.76 -0.10 -13.12
C LEU A 870 5.54 -0.93 -12.80
N HIS A 871 5.72 -2.15 -12.38
CA HIS A 871 4.62 -3.06 -12.04
C HIS A 871 3.81 -2.59 -10.85
N LEU A 872 4.46 -2.10 -9.80
CA LEU A 872 3.78 -1.62 -8.62
C LEU A 872 2.99 -0.32 -8.88
N PHE A 873 3.52 0.61 -9.70
CA PHE A 873 2.81 1.86 -10.05
C PHE A 873 1.66 1.60 -11.02
N ALA A 874 1.79 0.56 -11.87
CA ALA A 874 0.79 0.09 -12.84
C ALA A 874 -0.41 -0.50 -12.09
N LEU A 875 -0.13 -1.25 -10.97
CA LEU A 875 -1.11 -1.84 -10.06
C LEU A 875 -1.84 -0.73 -9.31
N MET A 876 -1.10 0.33 -8.93
CA MET A 876 -1.60 1.50 -8.21
C MET A 876 -2.54 2.40 -9.02
N ARG A 877 -2.70 2.14 -10.33
CA ARG A 877 -3.61 2.89 -11.20
C ARG A 877 -5.05 2.64 -10.77
N ALA A 878 -5.34 1.46 -10.19
CA ALA A 878 -6.66 1.06 -9.67
C ALA A 878 -7.18 1.95 -8.53
N ALA A 879 -6.27 2.55 -7.74
CA ALA A 879 -6.56 3.41 -6.58
C ALA A 879 -7.48 4.62 -6.87
N GLY A 880 -7.28 5.26 -8.02
CA GLY A 880 -8.04 6.45 -8.39
C GLY A 880 -7.32 7.70 -7.92
N LEU A 881 -6.02 7.81 -8.25
CA LEU A 881 -5.20 8.97 -7.88
C LEU A 881 -5.13 9.93 -9.09
N PRO A 882 -5.45 11.24 -8.92
CA PRO A 882 -5.41 12.16 -10.07
C PRO A 882 -4.06 12.26 -10.78
N GLU A 883 -2.95 12.04 -10.04
CA GLU A 883 -1.58 12.11 -10.57
C GLU A 883 -1.00 10.74 -10.98
N LEU A 884 -1.87 9.71 -11.06
CA LEU A 884 -1.54 8.35 -11.50
C LEU A 884 -2.74 7.78 -12.32
N SER A 885 -3.36 8.66 -13.13
CA SER A 885 -4.56 8.40 -13.94
C SER A 885 -4.35 7.47 -15.14
N CYS A 886 -3.24 7.67 -15.88
CA CYS A 886 -2.92 7.01 -17.14
C CYS A 886 -1.45 6.53 -17.30
N SER A 887 -1.08 6.20 -18.56
CA SER A 887 0.25 5.75 -19.00
C SER A 887 1.26 6.90 -19.04
N LYS A 888 0.77 8.15 -19.17
CA LYS A 888 1.59 9.37 -19.23
C LYS A 888 2.17 9.74 -17.85
N ASP A 889 1.66 9.08 -16.80
CA ASP A 889 2.13 9.21 -15.43
C ASP A 889 3.23 8.15 -15.25
N ILE A 890 3.00 6.92 -15.78
CA ILE A 890 3.90 5.75 -15.79
C ILE A 890 5.15 6.09 -16.63
N GLN A 891 4.96 6.92 -17.68
CA GLN A 891 6.02 7.38 -18.55
C GLN A 891 7.08 8.20 -17.80
N TYR A 892 6.66 9.08 -16.83
CA TYR A 892 7.65 9.85 -16.07
C TYR A 892 8.72 8.90 -15.48
N LEU A 893 8.29 7.77 -14.85
CA LEU A 893 9.15 6.75 -14.23
C LEU A 893 10.10 6.14 -15.23
N LYS A 894 9.61 5.89 -16.47
CA LYS A 894 10.38 5.28 -17.55
C LYS A 894 11.57 6.18 -17.91
N ASP A 895 11.29 7.49 -18.09
CA ASP A 895 12.28 8.53 -18.44
C ASP A 895 13.23 8.86 -17.27
N SER A 896 12.70 9.05 -16.03
CA SER A 896 13.51 9.31 -14.83
C SER A 896 14.46 8.14 -14.53
N LEU A 897 14.01 6.88 -14.82
CA LEU A 897 14.84 5.69 -14.67
C LEU A 897 15.59 5.27 -15.96
N ALA A 898 15.34 5.96 -17.12
CA ALA A 898 15.96 5.67 -18.44
C ALA A 898 15.94 4.16 -18.75
N LEU A 899 14.73 3.56 -18.65
CA LEU A 899 14.50 2.12 -18.75
C LEU A 899 14.71 1.48 -20.14
N GLY A 900 14.49 2.24 -21.21
CA GLY A 900 14.70 1.72 -22.57
C GLY A 900 16.16 1.63 -22.96
N LYS A 901 17.03 2.43 -22.29
CA LYS A 901 18.47 2.55 -22.51
C LYS A 901 19.33 1.57 -21.67
N THR A 902 20.64 1.52 -21.99
CA THR A 902 21.66 0.71 -21.30
C THR A 902 22.21 1.54 -20.15
N GLU A 903 23.00 0.91 -19.25
CA GLU A 903 23.59 1.59 -18.08
C GLU A 903 24.53 2.75 -18.46
N GLU A 904 25.37 2.59 -19.50
CA GLU A 904 26.30 3.63 -19.93
C GLU A 904 25.60 4.86 -20.52
N GLU A 905 24.45 4.68 -21.21
CA GLU A 905 23.65 5.79 -21.75
C GLU A 905 22.87 6.48 -20.64
N ALA A 906 22.32 5.67 -19.70
CA ALA A 906 21.55 6.12 -18.53
C ALA A 906 22.40 6.90 -17.52
N LEU A 907 23.62 6.41 -17.23
CA LEU A 907 24.54 7.07 -16.30
C LEU A 907 25.10 8.38 -16.87
N LYS A 908 25.17 8.49 -18.21
CA LYS A 908 25.59 9.68 -18.94
C LYS A 908 24.46 10.71 -18.83
N HIS A 909 23.19 10.28 -19.07
CA HIS A 909 22.02 11.14 -18.96
C HIS A 909 21.81 11.61 -17.52
N PHE A 910 22.15 10.76 -16.53
CA PHE A 910 22.09 11.12 -15.13
C PHE A 910 23.20 12.14 -14.81
N ARG A 911 24.41 11.98 -15.42
CA ARG A 911 25.55 12.91 -15.25
C ARG A 911 25.17 14.29 -15.81
N VAL A 912 24.41 14.29 -16.93
CA VAL A 912 23.86 15.47 -17.60
C VAL A 912 22.84 16.15 -16.68
N LYS A 913 21.94 15.35 -16.04
CA LYS A 913 20.91 15.84 -15.12
C LYS A 913 21.47 16.35 -13.80
N PHE A 914 22.57 15.74 -13.30
CA PHE A 914 23.24 16.14 -12.05
C PHE A 914 23.98 17.47 -12.24
N ASN A 915 24.70 17.63 -13.37
CA ASN A 915 25.44 18.84 -13.74
C ASN A 915 24.49 20.01 -14.03
N GLU A 916 23.29 19.73 -14.60
CA GLU A 916 22.26 20.72 -14.89
C GLU A 916 21.70 21.31 -13.57
N ALA A 917 21.65 20.49 -12.50
CA ALA A 917 21.20 20.86 -11.16
C ALA A 917 22.28 21.65 -10.41
N LEU A 918 23.56 21.32 -10.66
CA LEU A 918 24.72 21.96 -10.05
C LEU A 918 24.90 23.39 -10.59
N ARG A 919 24.77 23.57 -11.94
CA ARG A 919 24.89 24.85 -12.61
C ARG A 919 23.75 25.80 -12.19
N GLU A 920 22.53 25.23 -12.01
CA GLU A 920 21.33 25.96 -11.58
C GLU A 920 21.43 26.41 -10.11
N SER A 921 22.24 25.69 -9.30
CA SER A 921 22.50 25.98 -7.88
C SER A 921 23.52 27.14 -7.75
N TRP A 922 23.08 28.37 -8.11
CA TRP A 922 23.86 29.63 -8.11
C TRP A 922 25.21 29.52 -8.82
C1 74H B . 3.85 22.53 16.04
C2 74H B . 4.36 21.26 15.92
C3 74H B . 4.47 23.58 15.38
C7 74H B . 7.98 15.86 12.41
C8 74H B . 4.69 17.54 9.26
C9 74H B . 6.13 22.10 14.45
C10 74H B . 7.50 17.12 12.08
C11 74H B . 4.28 16.20 7.55
C12 74H B . 6.39 16.18 10.33
C13 74H B . 6.89 14.91 10.65
C14 74H B . 7.82 18.31 12.85
C15 74H B . 7.72 20.34 13.49
C16 74H B . 3.72 15.65 6.34
C19 74H B . 7.32 21.83 13.61
C20 74H B . 9.29 20.04 15.49
N23 74H B . 5.24 15.60 8.26
N25 74H B . 8.63 18.32 13.93
N26 74H B . 5.48 16.42 9.30
N29 74H B . 4.25 14.44 5.96
C4 74H B . 5.50 21.07 15.14
C5 74H B . 5.59 23.36 14.60
C6 74H B . 3.91 17.43 8.14
C17 74H B . 7.48 22.64 12.34
C18 74H B . 8.44 22.84 13.47
N21 74H B . 7.71 14.76 11.70
N22 74H B . 6.68 17.28 11.03
N24 74H B . 7.26 19.53 12.56
N27 74H B . 8.55 19.61 14.31
N28 74H B . 6.56 13.78 9.90
O30 74H B . 2.84 16.20 5.71
#